data_4C68
#
_entry.id   4C68
#
_cell.length_a   57.330
_cell.length_b   121.430
_cell.length_c   178.740
_cell.angle_alpha   90.00
_cell.angle_beta   90.00
_cell.angle_gamma   90.00
#
_symmetry.space_group_name_H-M   'P 21 21 21'
#
loop_
_entity.id
_entity.type
_entity.pdbx_description
1 polymer 'GLYCYLPEPTIDE N-TETRADECANOYLTRANSFERASE'
2 non-polymer 'FORMIC ACID'
3 non-polymer 'DIMETHYL SULFOXIDE'
4 non-polymer N-(10-aminodecanoyl)-L-seryl-N-(2-cyclohexylethyl)-L-lysinamide
5 non-polymer 2-oxopentadecyl-CoA
6 non-polymer 'CHLORIDE ION'
7 non-polymer 'MAGNESIUM ION'
8 non-polymer 'SULFATE ION'
9 water water
#
_entity_poly.entity_id   1
_entity_poly.type   'polypeptide(L)'
_entity_poly.pdbx_seq_one_letter_code
;DYKFWYTQPVPKINDEFNESVNEPFISDNKVEDVRKDEYKLPPGYSWYVCDVKDEKDRSEIYTLLTDNYVEDDDNIFRFN
YSAEFLLWALTSPNYLKTWHIGVKYDASNKLIGFISAIPTDICIHKRTIKMAEVNFLCVHKTLRSKRLAPVLIKEITRRI
NLENIWQAIYTAGVYLPKPVSDARYYHRSINVKKLIEIGFSSLNSRLTMSRAIKLYRVEDTLNIKNMRLMKKKDVEGVHK
LLGSYLEQFNLYAVFTKEEIAHWFLPIENVIYTYVNEENGKIKDMISFYSLPSQILGNDKYSTLNAAYSFYNVTTTATFK
QLMQDAILLAKRNNFDVFNALEVMQNKSVFEDLKFGEGDGSLKYYLYNWKCASFAPAHVGIVLL
;
_entity_poly.pdbx_strand_id   A,B,C
#
# COMPACT_ATOMS: atom_id res chain seq x y z
N ASP A 1 35.97 23.04 1.84
N ASP A 1 34.88 22.59 0.27
CA ASP A 1 36.04 22.22 0.59
CA ASP A 1 35.37 22.16 -1.08
C ASP A 1 36.08 20.72 0.91
C ASP A 1 35.80 20.67 -1.23
N TYR A 2 35.85 19.91 -0.12
CA TYR A 2 35.93 18.43 -0.03
C TYR A 2 36.91 17.88 -1.06
N LYS A 3 38.17 18.12 -0.80
CA LYS A 3 39.29 17.77 -1.68
CA LYS A 3 39.25 17.78 -1.72
C LYS A 3 39.40 16.25 -1.94
N PHE A 4 39.12 15.44 -0.90
CA PHE A 4 39.12 13.99 -1.13
C PHE A 4 37.79 13.58 -1.78
N TRP A 5 36.65 13.96 -1.17
CA TRP A 5 35.39 13.47 -1.68
C TRP A 5 35.08 13.80 -3.13
N TYR A 6 35.60 14.95 -3.58
CA TYR A 6 35.55 15.49 -4.98
CA TYR A 6 35.36 15.40 -4.93
C TYR A 6 36.16 14.54 -5.96
N THR A 7 37.13 13.72 -5.47
CA THR A 7 37.84 12.78 -6.37
C THR A 7 37.15 11.42 -6.53
N GLN A 8 36.05 11.28 -5.81
CA GLN A 8 35.26 10.02 -5.65
C GLN A 8 33.97 10.05 -6.50
N PRO A 9 33.53 8.86 -6.98
CA PRO A 9 32.19 8.82 -7.64
C PRO A 9 31.00 8.95 -6.67
N VAL A 10 30.81 10.20 -6.25
CA VAL A 10 29.74 10.63 -5.35
C VAL A 10 29.26 12.00 -5.91
N PRO A 11 28.04 12.41 -5.56
CA PRO A 11 27.55 13.68 -6.12
C PRO A 11 28.32 14.87 -5.64
N LYS A 12 28.49 15.82 -6.56
CA LYS A 12 28.90 17.16 -6.19
C LYS A 12 27.84 17.80 -5.31
N ILE A 13 28.26 18.77 -4.54
CA ILE A 13 27.40 19.45 -3.55
C ILE A 13 26.13 20.08 -4.15
N ASN A 14 26.17 20.48 -5.42
CA ASN A 14 24.99 21.04 -6.09
C ASN A 14 24.25 20.10 -7.03
N ASP A 15 24.63 18.80 -7.05
CA ASP A 15 24.03 17.79 -7.96
C ASP A 15 22.61 17.46 -7.45
N GLU A 16 21.67 17.45 -8.42
CA GLU A 16 20.25 17.21 -8.15
CA GLU A 16 20.28 17.22 -8.13
C GLU A 16 19.80 16.31 -9.23
N PHE A 17 19.22 15.14 -8.86
CA PHE A 17 18.79 14.20 -9.89
C PHE A 17 17.31 13.94 -9.87
N ASN A 18 16.76 13.78 -11.11
CA ASN A 18 15.33 13.39 -11.25
C ASN A 18 15.03 12.06 -10.60
N GLU A 19 13.75 11.82 -10.22
CA GLU A 19 13.25 10.50 -9.70
C GLU A 19 13.55 9.32 -10.60
N SER A 20 13.67 9.56 -11.90
CA SER A 20 13.85 8.52 -12.86
C SER A 20 15.36 8.12 -13.00
N VAL A 21 16.24 8.93 -12.45
CA VAL A 21 17.68 8.63 -12.46
C VAL A 21 18.04 7.71 -11.27
N ASN A 22 18.64 6.57 -11.56
CA ASN A 22 18.85 5.52 -10.54
C ASN A 22 19.94 4.60 -11.10
N GLU A 23 21.22 4.95 -10.98
CA GLU A 23 22.27 4.24 -11.76
C GLU A 23 23.59 4.64 -11.16
N PRO A 24 24.65 3.91 -11.44
CA PRO A 24 26.01 4.19 -10.89
C PRO A 24 26.56 5.48 -11.54
N PHE A 25 27.39 6.23 -10.80
CA PHE A 25 28.28 7.19 -11.45
C PHE A 25 29.20 6.55 -12.45
N ILE A 26 29.76 5.39 -12.12
CA ILE A 26 30.81 4.75 -13.01
C ILE A 26 30.40 3.28 -13.15
N SER A 27 30.04 2.88 -14.36
CA SER A 27 29.59 1.57 -14.70
C SER A 27 30.68 0.76 -15.37
N ASP A 28 30.35 -0.51 -15.67
CA ASP A 28 31.26 -1.39 -16.49
C ASP A 28 32.62 -1.46 -15.81
N ASN A 29 32.60 -1.63 -14.49
CA ASN A 29 33.87 -1.77 -13.75
C ASN A 29 34.32 -3.20 -13.86
N LYS A 30 35.64 -3.43 -13.77
CA LYS A 30 36.25 -4.77 -14.02
C LYS A 30 37.11 -5.15 -12.82
N VAL A 31 36.79 -6.29 -12.18
CA VAL A 31 37.57 -6.77 -11.02
C VAL A 31 39.03 -6.95 -11.42
N GLU A 32 39.22 -7.41 -12.66
CA GLU A 32 40.54 -7.56 -13.29
CA GLU A 32 40.60 -7.62 -13.14
C GLU A 32 41.45 -6.32 -13.15
N ASP A 33 40.83 -5.10 -13.12
CA ASP A 33 41.62 -3.81 -13.25
C ASP A 33 41.94 -3.24 -11.85
N VAL A 34 41.37 -3.86 -10.82
CA VAL A 34 41.45 -3.24 -9.45
C VAL A 34 42.88 -3.37 -8.97
N ARG A 35 43.33 -2.34 -8.21
CA ARG A 35 44.68 -2.43 -7.67
C ARG A 35 44.79 -3.65 -6.74
N LYS A 36 45.95 -4.33 -6.88
CA LYS A 36 46.35 -5.53 -6.09
CA LYS A 36 46.20 -5.48 -6.00
C LYS A 36 47.20 -5.15 -4.89
N ASP A 37 47.73 -3.98 -4.90
CA ASP A 37 48.59 -3.49 -3.87
C ASP A 37 47.85 -2.69 -2.80
N GLU A 38 48.23 -2.87 -1.52
CA GLU A 38 47.57 -2.13 -0.41
C GLU A 38 47.99 -0.67 -0.48
N TYR A 39 47.11 0.23 -0.15
CA TYR A 39 47.42 1.64 -0.17
C TYR A 39 48.56 1.84 0.81
N LYS A 40 49.32 2.90 0.55
CA LYS A 40 50.45 3.30 1.36
CA LYS A 40 50.44 3.27 1.40
C LYS A 40 50.03 4.08 2.60
N LEU A 41 50.59 3.67 3.72
CA LEU A 41 50.36 4.34 4.98
C LEU A 41 51.56 5.21 5.25
N PRO A 42 51.41 6.18 6.13
CA PRO A 42 52.64 6.87 6.49
C PRO A 42 53.74 5.98 7.11
N PRO A 43 55.04 6.40 7.02
CA PRO A 43 56.07 5.60 7.69
C PRO A 43 55.73 5.18 9.20
N GLY A 44 56.08 3.93 9.55
CA GLY A 44 55.91 3.31 10.84
C GLY A 44 54.50 2.89 11.21
N TYR A 45 53.60 2.85 10.22
CA TYR A 45 52.24 2.33 10.41
C TYR A 45 51.98 1.22 9.40
N SER A 46 51.15 0.23 9.79
CA SER A 46 50.98 -1.02 9.04
C SER A 46 49.49 -1.39 9.05
N TRP A 47 49.06 -1.95 7.91
CA TRP A 47 47.78 -2.63 7.88
C TRP A 47 47.75 -3.81 8.80
N TYR A 48 46.59 -4.14 9.31
CA TYR A 48 46.53 -5.33 10.14
C TYR A 48 45.22 -5.94 9.84
N VAL A 49 45.08 -7.24 9.58
CA VAL A 49 43.68 -7.71 9.39
C VAL A 49 43.22 -8.26 10.72
N CYS A 50 42.11 -7.72 11.24
N CYS A 50 42.12 -7.73 11.26
CA CYS A 50 41.56 -8.01 12.56
CA CYS A 50 41.65 -8.17 12.55
C CYS A 50 40.65 -9.26 12.48
C CYS A 50 40.76 -9.36 12.38
N ASP A 51 40.81 -10.21 13.38
CA ASP A 51 39.86 -11.35 13.42
C ASP A 51 38.86 -11.10 14.53
N VAL A 52 37.71 -10.58 14.10
CA VAL A 52 36.76 -10.20 15.10
C VAL A 52 36.23 -11.39 15.84
N LYS A 53 36.47 -12.58 15.34
CA LYS A 53 36.13 -13.77 16.15
C LYS A 53 37.13 -14.19 17.19
N ASP A 54 38.27 -13.50 17.21
CA ASP A 54 39.29 -13.75 18.22
C ASP A 54 39.08 -12.75 19.32
N GLU A 55 38.88 -13.19 20.56
CA GLU A 55 38.55 -12.28 21.64
C GLU A 55 39.60 -11.19 21.81
N LYS A 56 40.92 -11.50 21.65
CA LYS A 56 41.92 -10.44 21.83
C LYS A 56 41.92 -9.40 20.74
N ASP A 57 41.87 -9.80 19.49
CA ASP A 57 41.72 -8.76 18.37
C ASP A 57 40.48 -7.92 18.60
N ARG A 58 39.36 -8.59 18.88
CA ARG A 58 38.07 -7.92 19.06
C ARG A 58 38.18 -6.96 20.30
N SER A 59 38.93 -7.29 21.32
CA SER A 59 39.19 -6.37 22.44
CA SER A 59 39.17 -6.35 22.41
C SER A 59 39.94 -5.10 22.05
N GLU A 60 40.89 -5.25 21.11
CA GLU A 60 41.70 -4.19 20.60
CA GLU A 60 41.70 -4.18 20.61
C GLU A 60 40.79 -3.22 19.82
N ILE A 61 39.89 -3.74 18.92
CA ILE A 61 38.96 -2.84 18.23
C ILE A 61 38.06 -2.14 19.27
N TYR A 62 37.63 -2.88 20.27
CA TYR A 62 36.72 -2.36 21.28
C TYR A 62 37.43 -1.16 21.96
N THR A 63 38.70 -1.36 22.35
CA THR A 63 39.36 -0.33 23.15
C THR A 63 39.52 0.91 22.26
N LEU A 64 39.91 0.72 21.02
CA LEU A 64 40.07 1.87 20.06
C LEU A 64 38.78 2.70 19.87
N LEU A 65 37.69 2.02 19.76
CA LEU A 65 36.40 2.76 19.63
C LEU A 65 35.93 3.34 20.98
N THR A 66 36.14 2.62 22.10
CA THR A 66 35.69 3.18 23.39
C THR A 66 36.46 4.50 23.58
N ASP A 67 37.78 4.56 23.22
CA ASP A 67 38.53 5.77 23.47
C ASP A 67 38.34 6.85 22.47
N ASN A 68 37.92 6.48 21.24
CA ASN A 68 38.11 7.37 20.16
C ASN A 68 36.95 7.54 19.18
N TYR A 69 35.81 6.90 19.46
CA TYR A 69 34.72 6.90 18.46
C TYR A 69 33.88 8.23 18.63
N VAL A 70 32.72 8.25 18.02
CA VAL A 70 31.85 9.43 17.87
C VAL A 70 31.29 9.99 19.17
N GLU A 71 31.24 11.30 19.28
CA GLU A 71 30.71 12.02 20.48
C GLU A 71 29.55 12.88 20.06
N ASP A 72 28.79 13.37 21.03
CA ASP A 72 27.73 14.34 20.68
C ASP A 72 28.45 15.70 20.45
N ASP A 73 27.70 16.72 20.00
CA ASP A 73 28.35 17.94 19.57
C ASP A 73 29.02 18.70 20.71
N ASP A 74 28.65 18.38 21.95
N ASP A 74 28.67 18.32 21.93
CA ASP A 74 29.24 19.06 23.09
CA ASP A 74 29.16 18.98 23.12
C ASP A 74 30.28 18.20 23.84
C ASP A 74 30.24 18.17 23.85
N ASN A 75 30.55 17.03 23.28
CA ASN A 75 31.62 16.18 23.81
C ASN A 75 31.42 15.75 25.26
N ILE A 76 30.15 15.37 25.53
CA ILE A 76 29.79 14.81 26.77
C ILE A 76 29.54 13.30 26.69
N PHE A 77 29.08 12.80 25.54
CA PHE A 77 28.65 11.40 25.42
C PHE A 77 29.43 10.80 24.20
N ARG A 78 30.11 9.71 24.49
CA ARG A 78 30.81 8.97 23.46
C ARG A 78 30.23 7.59 23.26
N PHE A 79 29.87 7.26 22.02
CA PHE A 79 29.39 5.92 21.74
C PHE A 79 30.34 4.87 22.38
N ASN A 80 29.77 3.87 22.99
CA ASN A 80 30.53 2.81 23.64
C ASN A 80 29.95 1.45 23.18
N TYR A 81 30.05 1.11 21.87
CA TYR A 81 29.67 -0.20 21.38
C TYR A 81 30.34 -1.30 22.22
N SER A 82 29.59 -2.32 22.65
CA SER A 82 30.25 -3.40 23.38
C SER A 82 31.05 -4.31 22.47
N ALA A 83 32.00 -5.03 23.05
CA ALA A 83 32.67 -6.03 22.29
C ALA A 83 31.78 -7.08 21.64
N GLU A 84 30.82 -7.56 22.40
CA GLU A 84 29.83 -8.53 21.84
CA GLU A 84 29.87 -8.49 21.84
C GLU A 84 28.99 -7.88 20.78
N PHE A 85 28.67 -6.56 20.91
CA PHE A 85 27.93 -5.85 19.80
C PHE A 85 28.78 -5.91 18.54
N LEU A 86 30.06 -5.64 18.69
CA LEU A 86 30.94 -5.56 17.52
C LEU A 86 30.99 -6.94 16.81
N LEU A 87 31.08 -8.01 17.60
CA LEU A 87 31.07 -9.38 17.04
C LEU A 87 29.78 -9.50 16.15
N TRP A 88 28.61 -9.30 16.79
CA TRP A 88 27.37 -9.31 15.98
C TRP A 88 27.32 -8.41 14.75
N ALA A 89 27.71 -7.14 14.87
CA ALA A 89 27.70 -6.19 13.75
C ALA A 89 28.56 -6.67 12.62
N LEU A 90 29.66 -7.39 12.93
CA LEU A 90 30.64 -7.59 11.88
C LEU A 90 30.68 -8.97 11.29
N THR A 91 29.95 -9.87 11.88
CA THR A 91 29.89 -11.30 11.48
C THR A 91 28.62 -11.79 10.84
N SER A 92 27.93 -10.87 10.17
CA SER A 92 26.73 -11.18 9.48
C SER A 92 27.01 -12.17 8.37
N PRO A 93 25.91 -12.71 7.83
CA PRO A 93 26.16 -13.78 6.83
C PRO A 93 27.00 -13.37 5.69
N ASN A 94 27.91 -14.28 5.34
CA ASN A 94 28.89 -14.07 4.24
C ASN A 94 29.82 -12.87 4.44
N TYR A 95 30.01 -12.47 5.69
CA TYR A 95 30.99 -11.47 5.97
C TYR A 95 32.37 -11.98 5.58
N LEU A 96 33.18 -11.02 5.30
CA LEU A 96 34.60 -11.22 4.89
C LEU A 96 35.49 -10.68 5.98
N LYS A 97 36.31 -11.55 6.57
CA LYS A 97 37.39 -11.15 7.49
C LYS A 97 38.27 -10.00 6.93
N THR A 98 38.48 -10.01 5.63
CA THR A 98 39.51 -9.08 4.99
C THR A 98 38.90 -7.67 4.81
N TRP A 99 37.59 -7.57 5.13
CA TRP A 99 36.91 -6.29 5.22
C TRP A 99 36.95 -5.67 6.57
N HIS A 100 37.68 -6.27 7.52
CA HIS A 100 37.76 -5.74 8.92
C HIS A 100 39.22 -5.29 9.03
N ILE A 101 39.51 -4.06 8.71
CA ILE A 101 40.86 -3.58 8.48
C ILE A 101 41.33 -2.67 9.62
N GLY A 102 42.38 -3.09 10.35
CA GLY A 102 43.03 -2.18 11.26
C GLY A 102 44.25 -1.53 10.69
N VAL A 103 44.78 -0.55 11.49
CA VAL A 103 46.07 0.02 11.23
C VAL A 103 46.75 0.07 12.57
N LYS A 104 47.99 -0.50 12.61
CA LYS A 104 48.87 -0.49 13.79
C LYS A 104 49.97 0.52 13.70
N TYR A 105 50.29 1.15 14.82
CA TYR A 105 51.56 1.82 14.93
C TYR A 105 52.70 0.79 15.22
N ASP A 106 53.72 0.63 14.35
CA ASP A 106 54.65 -0.52 14.44
C ASP A 106 55.37 -0.52 15.81
N ALA A 107 55.79 0.65 16.25
CA ALA A 107 56.69 0.73 17.49
C ALA A 107 55.96 0.31 18.74
N SER A 108 54.64 0.60 18.87
CA SER A 108 53.87 0.14 20.04
C SER A 108 53.09 -1.17 19.79
N ASN A 109 52.89 -1.55 18.50
CA ASN A 109 52.05 -2.71 18.15
C ASN A 109 50.57 -2.48 18.57
N LYS A 110 50.20 -1.24 18.67
CA LYS A 110 48.86 -0.96 19.10
CA LYS A 110 48.89 -0.78 19.15
C LYS A 110 48.02 -0.45 17.94
N LEU A 111 46.76 -0.81 17.99
CA LEU A 111 45.79 -0.43 16.95
C LEU A 111 45.38 1.04 17.05
N ILE A 112 45.59 1.78 15.99
CA ILE A 112 45.29 3.18 15.97
C ILE A 112 44.23 3.62 14.94
N GLY A 113 43.85 2.72 14.07
CA GLY A 113 42.80 3.07 13.16
C GLY A 113 42.10 1.79 12.78
N PHE A 114 40.89 1.98 12.26
CA PHE A 114 40.03 0.83 11.88
C PHE A 114 38.97 1.29 10.87
N ILE A 115 38.60 0.34 10.01
CA ILE A 115 37.44 0.60 9.08
C ILE A 115 36.85 -0.75 8.76
N SER A 116 35.51 -0.85 8.61
CA SER A 116 34.93 -2.21 8.34
C SER A 116 33.86 -2.12 7.29
N ALA A 117 33.64 -3.23 6.60
CA ALA A 117 32.45 -3.40 5.79
C ALA A 117 31.86 -4.78 5.93
N ILE A 118 30.55 -4.90 5.67
CA ILE A 118 29.85 -6.22 5.54
C ILE A 118 29.06 -6.11 4.23
N PRO A 119 28.82 -7.23 3.57
CA PRO A 119 27.96 -7.27 2.40
C PRO A 119 26.51 -7.19 2.73
N THR A 120 25.76 -6.50 1.88
CA THR A 120 24.33 -6.34 2.10
C THR A 120 23.65 -6.11 0.71
N ASP A 121 22.48 -6.71 0.48
CA ASP A 121 21.75 -6.38 -0.74
CA ASP A 121 21.73 -6.42 -0.71
C ASP A 121 20.87 -5.20 -0.38
N ILE A 122 21.08 -4.14 -1.10
CA ILE A 122 20.32 -2.92 -0.91
C ILE A 122 19.40 -2.60 -2.10
N CYS A 123 18.15 -2.37 -1.72
CA CYS A 123 17.19 -1.87 -2.69
C CYS A 123 17.01 -0.37 -2.66
N ILE A 124 17.48 0.29 -3.71
CA ILE A 124 17.36 1.78 -3.79
C ILE A 124 16.38 2.03 -5.01
N HIS A 125 15.26 2.73 -4.71
CA HIS A 125 14.33 3.14 -5.76
C HIS A 125 13.99 1.91 -6.64
N LYS A 126 13.73 0.77 -5.97
CA LYS A 126 13.29 -0.46 -6.70
C LYS A 126 14.37 -1.10 -7.62
N ARG A 127 15.61 -0.90 -7.26
CA ARG A 127 16.65 -1.77 -7.88
C ARG A 127 17.46 -2.29 -6.75
N THR A 128 17.64 -3.60 -6.71
CA THR A 128 18.47 -4.30 -5.69
C THR A 128 19.88 -4.37 -6.22
N ILE A 129 20.84 -3.92 -5.40
CA ILE A 129 22.24 -3.91 -5.79
C ILE A 129 23.05 -4.57 -4.67
N LYS A 130 23.98 -5.43 -5.00
N LYS A 130 23.98 -5.42 -5.00
CA LYS A 130 24.88 -5.90 -3.95
CA LYS A 130 24.90 -5.91 -3.97
C LYS A 130 25.77 -4.74 -3.55
C LYS A 130 25.75 -4.73 -3.55
N MET A 131 25.79 -4.52 -2.24
CA MET A 131 26.59 -3.40 -1.74
CA MET A 131 26.62 -3.42 -1.78
C MET A 131 27.43 -3.88 -0.57
N ALA A 132 28.32 -3.02 -0.17
CA ALA A 132 28.93 -3.09 1.17
C ALA A 132 28.41 -2.02 2.09
N GLU A 133 28.21 -2.34 3.36
CA GLU A 133 27.82 -1.35 4.32
C GLU A 133 29.07 -1.08 5.11
N VAL A 134 29.46 0.17 5.13
CA VAL A 134 30.73 0.60 5.79
C VAL A 134 30.46 1.17 7.19
N ASN A 135 31.20 0.81 8.20
CA ASN A 135 30.92 1.28 9.55
C ASN A 135 32.13 1.19 10.35
N PHE A 136 32.13 1.94 11.43
CA PHE A 136 33.20 1.91 12.45
C PHE A 136 34.51 2.53 11.99
N LEU A 137 34.52 3.41 11.07
CA LEU A 137 35.73 4.17 10.68
C LEU A 137 36.16 4.98 11.89
N CYS A 138 37.35 4.76 12.28
CA CYS A 138 37.87 5.40 13.49
C CYS A 138 39.37 5.61 13.33
N VAL A 139 39.78 6.82 13.63
CA VAL A 139 41.24 7.12 13.80
C VAL A 139 41.45 7.65 15.24
N HIS A 140 42.48 7.12 15.92
CA HIS A 140 42.96 7.62 17.25
C HIS A 140 42.94 9.16 17.37
N LYS A 141 42.41 9.64 18.53
CA LYS A 141 42.29 11.07 18.72
C LYS A 141 43.63 11.82 18.56
N THR A 142 44.72 11.14 18.87
CA THR A 142 46.05 11.67 18.73
C THR A 142 46.58 11.82 17.32
N LEU A 143 45.90 11.22 16.33
CA LEU A 143 46.41 11.20 14.96
C LEU A 143 45.35 11.80 14.00
N ARG A 144 44.56 12.73 14.49
CA ARG A 144 43.52 13.34 13.65
C ARG A 144 44.02 14.39 12.71
N SER A 145 43.26 14.55 11.63
CA SER A 145 43.51 15.56 10.61
C SER A 145 44.88 15.39 9.97
N LYS A 146 45.30 14.11 9.84
CA LYS A 146 46.49 13.78 9.12
C LYS A 146 46.18 13.05 7.83
N ARG A 147 44.93 13.14 7.42
CA ARG A 147 44.47 12.43 6.19
C ARG A 147 44.67 10.90 6.20
N LEU A 148 44.51 10.27 7.36
CA LEU A 148 44.46 8.83 7.42
C LEU A 148 43.16 8.32 6.95
N ALA A 149 42.06 9.04 7.17
CA ALA A 149 40.75 8.49 6.90
C ALA A 149 40.61 8.22 5.40
N PRO A 150 41.04 9.13 4.51
CA PRO A 150 40.95 8.69 3.06
C PRO A 150 41.84 7.50 2.69
N VAL A 151 42.92 7.23 3.44
CA VAL A 151 43.68 6.04 3.18
C VAL A 151 42.81 4.85 3.51
N LEU A 152 42.18 4.82 4.70
CA LEU A 152 41.28 3.75 5.14
C LEU A 152 40.08 3.53 4.19
N ILE A 153 39.53 4.65 3.73
CA ILE A 153 38.43 4.59 2.76
C ILE A 153 38.84 4.01 1.48
N LYS A 154 39.92 4.52 0.91
CA LYS A 154 40.43 3.99 -0.38
C LYS A 154 40.82 2.50 -0.25
N GLU A 155 41.45 2.12 0.84
CA GLU A 155 41.81 0.69 1.05
C GLU A 155 40.55 -0.21 1.19
N ILE A 156 39.51 0.14 1.96
CA ILE A 156 38.37 -0.73 2.00
C ILE A 156 37.70 -0.70 0.60
N THR A 157 37.66 0.45 -0.06
CA THR A 157 37.05 0.42 -1.40
C THR A 157 37.74 -0.57 -2.30
N ARG A 158 39.06 -0.60 -2.31
CA ARG A 158 39.77 -1.49 -3.12
C ARG A 158 39.40 -2.93 -2.75
N ARG A 159 39.36 -3.22 -1.46
CA ARG A 159 39.05 -4.65 -1.08
C ARG A 159 37.67 -5.05 -1.52
N ILE A 160 36.72 -4.14 -1.42
CA ILE A 160 35.32 -4.39 -1.73
C ILE A 160 35.26 -4.54 -3.20
N ASN A 161 36.01 -3.75 -4.00
CA ASN A 161 35.91 -3.88 -5.46
C ASN A 161 36.52 -5.23 -5.95
N LEU A 162 37.49 -5.75 -5.20
CA LEU A 162 38.03 -7.11 -5.51
C LEU A 162 36.97 -8.17 -5.53
N GLU A 163 35.86 -7.94 -4.83
CA GLU A 163 34.77 -8.87 -4.71
C GLU A 163 33.70 -8.57 -5.75
N ASN A 164 34.05 -7.73 -6.72
CA ASN A 164 33.06 -7.33 -7.80
C ASN A 164 31.87 -6.56 -7.28
N ILE A 165 32.08 -5.78 -6.20
CA ILE A 165 31.03 -4.96 -5.57
C ILE A 165 31.46 -3.47 -5.72
N TRP A 166 30.61 -2.55 -6.26
CA TRP A 166 31.02 -1.23 -6.70
C TRP A 166 30.16 -0.10 -6.13
N GLN A 167 29.29 -0.48 -5.18
CA GLN A 167 28.42 0.46 -4.43
C GLN A 167 28.51 0.13 -2.96
N ALA A 168 28.34 1.18 -2.13
CA ALA A 168 28.33 1.05 -0.66
C ALA A 168 27.35 1.99 -0.12
N ILE A 169 26.90 1.63 1.06
CA ILE A 169 25.91 2.43 1.81
C ILE A 169 26.59 2.77 3.13
N TYR A 170 26.44 3.96 3.61
CA TYR A 170 27.07 4.34 4.91
C TYR A 170 26.26 5.47 5.47
N THR A 171 26.55 5.82 6.74
CA THR A 171 25.83 6.89 7.39
C THR A 171 26.87 7.70 8.20
N ALA A 172 26.56 8.94 8.44
CA ALA A 172 27.45 9.75 9.32
C ALA A 172 26.55 10.83 9.89
N GLY A 173 26.99 11.39 11.02
CA GLY A 173 26.46 12.67 11.51
C GLY A 173 27.03 13.88 10.81
N VAL A 174 28.19 13.81 10.14
CA VAL A 174 28.80 14.93 9.50
C VAL A 174 28.13 14.99 8.10
N TYR A 175 27.97 16.20 7.60
CA TYR A 175 27.58 16.43 6.24
C TYR A 175 28.73 16.22 5.23
N LEU A 176 28.47 15.39 4.24
CA LEU A 176 29.46 15.03 3.23
C LEU A 176 28.72 15.02 1.89
N PRO A 177 29.52 15.12 0.77
CA PRO A 177 28.83 14.94 -0.55
C PRO A 177 28.34 13.56 -0.85
N LYS A 178 27.04 13.33 -1.02
CA LYS A 178 25.93 14.25 -0.72
C LYS A 178 24.79 13.32 -0.18
N PRO A 179 24.08 13.62 0.89
CA PRO A 179 23.10 12.70 1.47
C PRO A 179 22.00 12.36 0.45
N VAL A 180 21.59 11.10 0.45
CA VAL A 180 20.37 10.71 -0.31
C VAL A 180 19.15 10.97 0.66
N SER A 181 19.38 10.97 1.97
CA SER A 181 18.41 11.41 2.93
C SER A 181 19.02 11.88 4.22
N ASP A 182 18.26 12.48 5.14
CA ASP A 182 18.82 13.10 6.41
C ASP A 182 17.73 12.93 7.46
N ALA A 183 18.00 12.19 8.53
CA ALA A 183 17.00 11.91 9.55
C ALA A 183 17.47 12.43 10.88
N ARG A 184 16.66 13.21 11.51
CA ARG A 184 16.95 13.63 12.87
C ARG A 184 16.71 12.49 13.83
N TYR A 185 17.50 12.50 14.91
CA TYR A 185 17.24 11.63 16.03
C TYR A 185 16.25 12.29 16.99
N TYR A 186 15.43 11.47 17.60
CA TYR A 186 14.48 11.88 18.66
C TYR A 186 14.67 10.95 19.82
N HIS A 187 14.34 11.43 20.99
CA HIS A 187 14.71 10.75 22.22
C HIS A 187 13.58 10.65 23.22
N ARG A 188 13.28 9.48 23.75
CA ARG A 188 12.17 9.31 24.62
C ARG A 188 12.69 8.97 26.00
N SER A 189 12.63 9.93 26.92
CA SER A 189 13.25 9.74 28.19
C SER A 189 12.59 8.59 28.95
N ILE A 190 13.38 7.76 29.64
CA ILE A 190 12.84 6.66 30.54
C ILE A 190 13.29 6.94 31.96
N ASN A 191 14.57 6.98 32.24
CA ASN A 191 15.12 7.30 33.55
CA ASN A 191 15.05 7.35 33.63
C ASN A 191 15.44 8.81 33.70
N VAL A 192 14.42 9.59 33.95
CA VAL A 192 14.44 11.03 33.86
C VAL A 192 15.44 11.67 34.80
N LYS A 193 15.52 11.23 36.02
CA LYS A 193 16.37 11.95 36.98
C LYS A 193 17.82 11.75 36.53
N LYS A 194 18.10 10.51 36.09
CA LYS A 194 19.50 10.28 35.61
C LYS A 194 19.75 11.13 34.40
N LEU A 195 18.82 11.19 33.44
CA LEU A 195 19.12 11.96 32.31
C LEU A 195 19.39 13.48 32.56
N ILE A 196 18.74 13.98 33.56
CA ILE A 196 18.91 15.38 33.99
C ILE A 196 20.29 15.55 34.63
N GLU A 197 20.58 14.66 35.54
CA GLU A 197 21.87 14.60 36.26
C GLU A 197 23.07 14.60 35.33
N ILE A 198 22.97 13.87 34.26
CA ILE A 198 24.10 13.70 33.39
C ILE A 198 24.06 14.77 32.29
N GLY A 199 23.08 15.65 32.30
CA GLY A 199 22.97 16.63 31.25
C GLY A 199 22.61 16.15 29.85
N PHE A 200 21.92 15.00 29.72
CA PHE A 200 21.28 14.59 28.47
C PHE A 200 20.03 15.40 28.13
N SER A 201 19.31 15.81 29.18
N SER A 201 19.32 15.84 29.17
CA SER A 201 17.99 16.43 29.21
CA SER A 201 18.03 16.53 29.11
C SER A 201 18.13 17.63 30.11
C SER A 201 17.99 17.42 30.36
N SER A 202 17.04 18.33 30.40
CA SER A 202 16.98 19.40 31.34
C SER A 202 15.59 19.68 31.84
N LEU A 203 15.58 20.33 32.97
CA LEU A 203 14.44 20.85 33.60
C LEU A 203 14.33 22.30 33.21
N ASN A 204 13.11 22.79 33.10
CA ASN A 204 12.86 24.23 33.06
C ASN A 204 12.29 24.86 34.33
N SER A 205 12.03 26.17 34.30
CA SER A 205 11.27 26.81 35.40
C SER A 205 9.70 26.63 35.23
N ARG A 206 9.27 25.48 34.67
CA ARG A 206 7.89 24.99 34.50
C ARG A 206 7.97 23.55 35.04
N LEU A 207 9.08 22.89 34.81
CA LEU A 207 9.26 21.50 35.15
C LEU A 207 10.16 21.40 36.30
N THR A 208 9.59 21.01 37.37
CA THR A 208 10.38 20.59 38.51
C THR A 208 10.78 19.14 38.30
N MET A 209 11.64 18.66 39.17
CA MET A 209 12.07 17.29 39.01
C MET A 209 10.90 16.39 39.08
N SER A 210 10.08 16.49 40.12
CA SER A 210 8.94 15.53 40.29
C SER A 210 8.02 15.66 39.07
N ARG A 211 7.78 16.83 38.50
CA ARG A 211 6.92 17.01 37.30
CA ARG A 211 6.88 16.86 37.39
C ARG A 211 7.47 16.28 36.12
N ALA A 212 8.79 16.39 35.93
CA ALA A 212 9.45 15.78 34.77
C ALA A 212 9.39 14.29 34.93
N ILE A 213 9.55 13.74 36.15
CA ILE A 213 9.45 12.27 36.34
C ILE A 213 8.00 11.83 35.98
N LYS A 214 7.02 12.60 36.45
CA LYS A 214 5.62 12.29 36.22
CA LYS A 214 5.58 12.38 36.22
C LYS A 214 5.30 12.32 34.74
N LEU A 215 5.86 13.27 34.01
CA LEU A 215 5.55 13.35 32.62
C LEU A 215 5.87 12.08 31.82
N TYR A 216 6.98 11.44 32.19
CA TYR A 216 7.55 10.33 31.41
C TYR A 216 7.18 8.99 32.01
N ARG A 217 6.35 8.94 33.05
CA ARG A 217 5.89 7.69 33.66
CA ARG A 217 5.94 7.66 33.63
C ARG A 217 5.18 6.80 32.62
N VAL A 218 5.40 5.50 32.72
CA VAL A 218 4.68 4.55 31.85
C VAL A 218 4.04 3.41 32.70
N GLU A 219 2.95 2.89 32.16
CA GLU A 219 2.17 1.84 32.73
C GLU A 219 2.91 0.56 32.31
N ASP A 220 3.28 -0.27 33.26
CA ASP A 220 3.99 -1.55 32.99
C ASP A 220 3.06 -2.66 32.42
N THR A 221 2.26 -2.30 31.39
CA THR A 221 1.36 -3.28 30.80
C THR A 221 1.32 -3.05 29.30
N LEU A 222 1.70 -4.07 28.53
CA LEU A 222 1.72 -4.05 27.10
C LEU A 222 0.35 -3.92 26.47
N ASN A 223 0.30 -3.05 25.45
CA ASN A 223 -0.83 -2.95 24.43
C ASN A 223 -1.02 -4.27 23.73
N ILE A 224 0.09 -4.95 23.28
CA ILE A 224 0.03 -6.25 22.67
C ILE A 224 0.50 -7.33 23.69
N LYS A 225 -0.47 -8.00 24.40
CA LYS A 225 -0.19 -8.73 25.66
C LYS A 225 0.81 -9.87 25.39
N ASN A 226 0.74 -10.56 24.23
CA ASN A 226 1.63 -11.69 23.85
C ASN A 226 3.00 -11.37 23.27
N MET A 227 3.26 -10.08 23.17
CA MET A 227 4.64 -9.86 22.67
CA MET A 227 4.65 -9.85 22.67
C MET A 227 5.82 -10.49 23.63
N ARG A 228 6.59 -11.28 22.93
CA ARG A 228 7.62 -12.14 23.63
C ARG A 228 8.94 -12.10 22.89
N LEU A 229 10.04 -12.45 23.57
CA LEU A 229 11.30 -12.51 22.87
C LEU A 229 11.16 -13.51 21.68
N MET A 230 11.78 -13.10 20.59
CA MET A 230 11.81 -13.90 19.38
C MET A 230 12.69 -15.13 19.68
N LYS A 231 12.34 -16.19 18.98
CA LYS A 231 12.87 -17.55 19.13
C LYS A 231 13.25 -18.01 17.76
N LYS A 232 14.11 -19.02 17.73
CA LYS A 232 14.58 -19.49 16.43
CA LYS A 232 14.59 -19.48 16.43
C LYS A 232 13.42 -19.96 15.54
N LYS A 233 12.35 -20.53 16.12
CA LYS A 233 11.13 -20.88 15.27
C LYS A 233 10.48 -19.69 14.49
N ASP A 234 10.80 -18.47 14.93
CA ASP A 234 10.05 -17.30 14.47
C ASP A 234 10.71 -16.73 13.26
N VAL A 235 11.82 -17.34 12.83
CA VAL A 235 12.67 -16.69 11.90
C VAL A 235 11.91 -16.54 10.53
N GLU A 236 11.22 -17.59 10.08
CA GLU A 236 10.54 -17.45 8.76
C GLU A 236 9.37 -16.40 8.81
N GLY A 237 8.66 -16.41 9.94
CA GLY A 237 7.55 -15.47 10.15
C GLY A 237 7.99 -14.03 10.23
N VAL A 238 9.12 -13.80 10.83
CA VAL A 238 9.78 -12.44 10.84
C VAL A 238 10.24 -12.02 9.48
N HIS A 239 10.80 -12.99 8.75
CA HIS A 239 11.27 -12.78 7.44
C HIS A 239 10.07 -12.34 6.53
N LYS A 240 8.94 -13.08 6.68
CA LYS A 240 7.78 -12.73 5.88
C LYS A 240 7.24 -11.29 6.24
N LEU A 241 7.01 -11.08 7.55
CA LEU A 241 6.36 -9.85 7.97
C LEU A 241 7.25 -8.62 7.62
N LEU A 242 8.53 -8.69 7.97
CA LEU A 242 9.47 -7.60 7.80
C LEU A 242 9.75 -7.35 6.31
N GLY A 243 10.04 -8.45 5.56
CA GLY A 243 10.36 -8.37 4.15
C GLY A 243 9.24 -7.71 3.35
N SER A 244 7.99 -8.06 3.68
CA SER A 244 6.83 -7.53 2.97
CA SER A 244 6.84 -7.53 2.94
C SER A 244 6.69 -6.03 3.28
N TYR A 245 6.84 -5.67 4.55
CA TYR A 245 6.67 -4.32 5.09
C TYR A 245 7.71 -3.40 4.47
N LEU A 246 8.94 -3.89 4.42
CA LEU A 246 9.98 -3.06 3.89
C LEU A 246 9.91 -2.62 2.42
N GLU A 247 9.13 -3.34 1.58
CA GLU A 247 9.11 -3.02 0.19
C GLU A 247 8.48 -1.70 -0.17
N GLN A 248 7.64 -1.13 0.67
CA GLN A 248 7.07 0.19 0.43
C GLN A 248 8.20 1.32 0.37
N PHE A 249 9.41 1.07 0.93
CA PHE A 249 10.32 2.20 1.11
C PHE A 249 11.22 2.44 -0.07
N ASN A 250 11.77 3.66 -0.14
CA ASN A 250 12.75 3.99 -1.17
C ASN A 250 14.15 3.39 -1.03
N LEU A 251 14.52 2.92 0.14
CA LEU A 251 15.88 2.48 0.36
C LEU A 251 15.75 1.51 1.54
N TYR A 252 16.16 0.25 1.32
CA TYR A 252 15.97 -0.77 2.36
C TYR A 252 16.84 -1.98 2.04
N ALA A 253 17.15 -2.84 3.02
CA ALA A 253 18.01 -4.01 2.83
C ALA A 253 17.07 -5.13 2.43
N VAL A 254 17.50 -5.97 1.50
CA VAL A 254 16.68 -7.16 1.21
C VAL A 254 17.28 -8.34 1.98
N PHE A 255 16.55 -8.75 2.99
CA PHE A 255 17.08 -9.72 3.92
C PHE A 255 16.75 -11.14 3.51
N THR A 256 17.79 -12.01 3.42
CA THR A 256 17.52 -13.49 3.44
C THR A 256 17.02 -13.96 4.79
N LYS A 257 16.63 -15.21 4.85
CA LYS A 257 16.22 -15.87 6.08
CA LYS A 257 16.21 -15.84 6.09
C LYS A 257 17.43 -15.93 7.02
N GLU A 258 18.59 -16.19 6.42
CA GLU A 258 19.74 -16.29 7.29
CA GLU A 258 19.90 -16.25 7.12
C GLU A 258 20.11 -14.91 7.87
N GLU A 259 19.93 -13.80 7.10
CA GLU A 259 20.23 -12.50 7.68
C GLU A 259 19.17 -12.18 8.78
N ILE A 260 17.94 -12.54 8.51
CA ILE A 260 16.94 -12.40 9.57
C ILE A 260 17.33 -13.03 10.91
N ALA A 261 17.78 -14.30 10.85
CA ALA A 261 18.25 -14.98 12.02
C ALA A 261 19.37 -14.17 12.71
N HIS A 262 20.34 -13.70 11.87
CA HIS A 262 21.50 -12.99 12.41
C HIS A 262 21.08 -11.68 13.08
N TRP A 263 20.31 -10.89 12.36
CA TRP A 263 20.08 -9.53 12.74
C TRP A 263 18.99 -9.44 13.83
N PHE A 264 18.14 -10.45 14.12
CA PHE A 264 17.08 -10.30 15.03
C PHE A 264 17.05 -11.26 16.19
N LEU A 265 17.69 -12.47 16.06
CA LEU A 265 17.65 -13.34 17.21
C LEU A 265 18.26 -12.68 18.45
N PRO A 266 17.52 -12.68 19.54
CA PRO A 266 18.05 -11.83 20.63
C PRO A 266 19.38 -12.25 21.19
N ILE A 267 20.16 -11.26 21.59
CA ILE A 267 21.44 -11.43 22.27
C ILE A 267 21.43 -10.35 23.41
N GLU A 268 21.53 -10.82 24.65
CA GLU A 268 21.45 -9.91 25.80
CA GLU A 268 21.45 -9.91 25.80
C GLU A 268 22.49 -8.77 25.65
N ASN A 269 22.06 -7.55 25.95
CA ASN A 269 22.92 -6.33 25.84
C ASN A 269 23.45 -6.05 24.49
N VAL A 270 22.73 -6.57 23.46
CA VAL A 270 23.09 -6.30 22.15
C VAL A 270 21.82 -5.98 21.25
N ILE A 271 21.04 -7.03 21.02
CA ILE A 271 19.82 -6.91 20.19
C ILE A 271 18.61 -7.60 20.96
N TYR A 272 17.50 -6.88 20.94
CA TYR A 272 16.23 -7.35 21.47
C TYR A 272 15.20 -7.28 20.37
N THR A 273 14.62 -8.47 20.10
CA THR A 273 13.45 -8.56 19.16
C THR A 273 12.35 -9.24 19.87
N TYR A 274 11.14 -8.66 19.85
N TYR A 274 11.15 -8.69 19.71
CA TYR A 274 9.91 -9.23 20.41
CA TYR A 274 9.96 -9.26 20.26
C TYR A 274 8.84 -9.37 19.31
C TYR A 274 8.94 -9.48 19.14
N VAL A 275 8.12 -10.49 19.38
CA VAL A 275 7.14 -10.86 18.35
C VAL A 275 5.79 -11.15 18.99
N ASN A 276 4.75 -10.96 18.12
CA ASN A 276 3.42 -11.35 18.52
C ASN A 276 2.99 -12.41 17.56
N GLU A 277 2.88 -13.60 18.09
CA GLU A 277 2.52 -14.71 17.26
C GLU A 277 1.04 -15.04 17.50
N GLU A 278 0.39 -15.22 16.36
CA GLU A 278 -0.98 -15.66 16.36
C GLU A 278 -1.07 -16.84 15.42
N ASN A 279 -1.56 -17.99 15.85
CA ASN A 279 -1.75 -19.05 14.84
C ASN A 279 -0.44 -19.51 14.22
N GLY A 280 0.66 -19.55 15.00
CA GLY A 280 1.95 -19.91 14.45
C GLY A 280 2.43 -18.90 13.42
N LYS A 281 1.73 -17.75 13.36
CA LYS A 281 2.04 -16.58 12.46
C LYS A 281 2.52 -15.35 13.18
N ILE A 282 3.61 -14.79 12.63
CA ILE A 282 4.12 -13.56 13.28
C ILE A 282 3.41 -12.36 12.69
N LYS A 283 2.64 -11.66 13.51
CA LYS A 283 1.87 -10.55 13.05
C LYS A 283 2.37 -9.19 13.46
N ASP A 284 3.24 -9.12 14.46
CA ASP A 284 3.80 -7.79 14.90
C ASP A 284 5.22 -8.04 15.42
N MET A 285 6.13 -7.06 15.22
CA MET A 285 7.44 -7.20 15.85
C MET A 285 7.97 -5.86 16.32
N ILE A 286 8.87 -5.91 17.31
CA ILE A 286 9.47 -4.68 17.91
C ILE A 286 10.91 -5.09 18.04
N SER A 287 11.84 -4.29 17.56
CA SER A 287 13.31 -4.50 17.83
C SER A 287 14.03 -3.18 18.13
N PHE A 288 15.08 -3.36 18.89
CA PHE A 288 15.93 -2.28 19.29
C PHE A 288 17.29 -2.84 19.72
N TYR A 289 18.33 -2.10 19.44
CA TYR A 289 19.66 -2.58 19.80
C TYR A 289 20.19 -1.72 20.99
N SER A 290 21.14 -2.26 21.68
CA SER A 290 21.74 -1.52 22.85
C SER A 290 22.98 -0.87 22.38
N LEU A 291 23.07 0.43 22.66
CA LEU A 291 24.27 1.21 22.33
C LEU A 291 24.53 2.21 23.40
N PRO A 292 25.29 1.81 24.42
CA PRO A 292 25.63 2.76 25.54
C PRO A 292 26.54 3.86 25.10
N SER A 293 26.41 5.01 25.75
CA SER A 293 27.45 5.95 25.65
C SER A 293 28.16 6.15 26.98
N GLN A 294 29.43 6.16 26.91
CA GLN A 294 30.28 6.58 27.99
C GLN A 294 30.08 8.07 28.24
N ILE A 295 29.86 8.42 29.51
CA ILE A 295 29.60 9.78 29.92
C ILE A 295 30.92 10.34 30.37
N LEU A 296 31.32 11.47 29.79
CA LEU A 296 32.61 12.06 30.03
C LEU A 296 32.53 13.11 31.17
N GLY A 297 33.29 12.87 32.22
CA GLY A 297 33.52 13.93 33.24
C GLY A 297 32.32 14.09 34.15
N ASN A 298 31.59 13.01 34.40
CA ASN A 298 30.48 13.02 35.39
C ASN A 298 30.87 12.18 36.59
N ASP A 299 30.89 12.80 37.79
CA ASP A 299 31.42 12.08 38.95
C ASP A 299 30.55 10.85 39.30
N LYS A 300 29.23 10.87 39.05
CA LYS A 300 28.39 9.84 39.63
C LYS A 300 28.07 8.69 38.64
N TYR A 301 28.02 9.03 37.34
CA TYR A 301 27.68 8.02 36.30
C TYR A 301 28.71 7.89 35.22
N SER A 302 29.04 6.65 34.79
CA SER A 302 30.06 6.46 33.72
C SER A 302 29.39 6.12 32.37
N THR A 303 28.16 5.58 32.47
CA THR A 303 27.52 5.01 31.27
CA THR A 303 27.50 4.97 31.31
C THR A 303 26.01 5.33 31.19
N LEU A 304 25.56 5.75 30.00
CA LEU A 304 24.18 6.06 29.66
C LEU A 304 23.70 4.84 28.87
N ASN A 305 22.66 4.20 29.37
CA ASN A 305 22.17 2.99 28.75
CA ASN A 305 22.20 2.97 28.77
C ASN A 305 21.11 3.34 27.80
N ALA A 306 21.30 3.06 26.50
CA ALA A 306 20.41 3.59 25.53
C ALA A 306 20.01 2.45 24.61
N ALA A 307 18.74 2.44 24.28
CA ALA A 307 18.10 1.48 23.31
C ALA A 307 17.80 2.33 22.08
N TYR A 308 18.12 1.81 20.90
CA TYR A 308 17.94 2.40 19.57
C TYR A 308 16.90 1.57 18.79
N SER A 309 15.80 2.23 18.41
CA SER A 309 14.75 1.66 17.55
C SER A 309 15.42 1.05 16.36
N PHE A 310 15.03 -0.17 15.98
CA PHE A 310 15.62 -0.85 14.85
C PHE A 310 14.49 -1.09 13.78
N TYR A 311 13.85 -2.23 13.80
CA TYR A 311 12.69 -2.45 12.89
C TYR A 311 11.43 -2.83 13.69
N ASN A 312 10.32 -2.14 13.40
CA ASN A 312 9.05 -2.29 14.11
C ASN A 312 7.91 -2.39 13.10
N VAL A 313 7.11 -3.44 13.23
CA VAL A 313 6.01 -3.62 12.20
C VAL A 313 4.79 -4.02 13.06
N THR A 314 3.64 -3.42 12.76
CA THR A 314 2.37 -3.89 13.36
C THR A 314 1.28 -4.13 12.29
N THR A 315 0.62 -5.26 12.48
CA THR A 315 -0.67 -5.53 11.76
C THR A 315 -1.89 -5.68 12.63
N THR A 316 -1.73 -5.78 13.94
CA THR A 316 -2.90 -5.93 14.79
C THR A 316 -3.11 -4.77 15.74
N ALA A 317 -2.25 -3.77 15.72
CA ALA A 317 -2.40 -2.62 16.62
C ALA A 317 -2.13 -1.37 15.83
N THR A 318 -2.20 -0.21 16.46
CA THR A 318 -1.77 0.96 15.79
C THR A 318 -0.22 1.08 15.87
N PHE A 319 0.44 1.84 15.03
CA PHE A 319 1.84 2.01 15.24
C PHE A 319 2.15 2.78 16.52
N LYS A 320 1.27 3.67 16.96
CA LYS A 320 1.55 4.33 18.22
C LYS A 320 1.59 3.24 19.31
N GLN A 321 0.69 2.26 19.26
CA GLN A 321 0.51 1.34 20.33
C GLN A 321 1.74 0.45 20.31
N LEU A 322 2.20 0.10 19.10
CA LEU A 322 3.38 -0.72 18.94
C LEU A 322 4.62 -0.05 19.58
N MET A 323 4.80 1.24 19.26
CA MET A 323 5.97 1.96 19.75
C MET A 323 5.88 2.30 21.21
N GLN A 324 4.66 2.43 21.75
CA GLN A 324 4.43 2.54 23.20
C GLN A 324 4.97 1.24 23.80
N ASP A 325 4.62 0.10 23.22
CA ASP A 325 5.11 -1.11 23.85
C ASP A 325 6.61 -1.24 23.68
N ALA A 326 7.24 -0.83 22.55
CA ALA A 326 8.71 -0.77 22.40
C ALA A 326 9.34 0.10 23.54
N ILE A 327 8.79 1.24 23.87
CA ILE A 327 9.34 2.03 25.00
C ILE A 327 9.25 1.17 26.24
N LEU A 328 8.11 0.53 26.51
CA LEU A 328 8.02 -0.25 27.72
C LEU A 328 8.98 -1.41 27.87
N LEU A 329 9.15 -2.14 26.78
CA LEU A 329 10.06 -3.27 26.79
C LEU A 329 11.51 -2.71 27.01
N ALA A 330 11.84 -1.54 26.41
CA ALA A 330 13.14 -1.00 26.69
C ALA A 330 13.23 -0.67 28.14
N LYS A 331 12.24 -0.06 28.75
CA LYS A 331 12.27 0.24 30.24
C LYS A 331 12.46 -1.03 31.00
N ARG A 332 11.76 -2.09 30.57
CA ARG A 332 11.83 -3.37 31.29
C ARG A 332 13.24 -3.96 31.28
N ASN A 333 14.05 -3.52 30.29
CA ASN A 333 15.39 -4.03 30.05
C ASN A 333 16.45 -3.04 30.55
N ASN A 334 16.01 -2.12 31.41
N ASN A 334 15.98 -2.14 31.42
CA ASN A 334 16.91 -1.29 32.21
CA ASN A 334 16.85 -1.34 32.25
C ASN A 334 17.48 -0.13 31.42
C ASN A 334 17.57 -0.31 31.33
N PHE A 335 16.96 0.14 30.24
CA PHE A 335 17.49 1.29 29.46
C PHE A 335 17.02 2.64 30.04
N ASP A 336 17.84 3.68 29.91
CA ASP A 336 17.59 5.04 30.41
C ASP A 336 16.84 5.88 29.36
N VAL A 337 17.00 5.57 28.09
CA VAL A 337 16.44 6.45 27.05
C VAL A 337 16.16 5.50 25.88
N PHE A 338 15.14 5.83 25.13
CA PHE A 338 14.83 5.13 23.89
C PHE A 338 14.98 6.10 22.71
N ASN A 339 15.84 5.79 21.71
CA ASN A 339 16.27 6.69 20.71
C ASN A 339 15.63 6.19 19.41
N ALA A 340 15.19 7.09 18.57
CA ALA A 340 14.69 6.65 17.25
C ALA A 340 15.01 7.73 16.23
N LEU A 341 15.15 7.37 14.94
CA LEU A 341 15.30 8.34 13.82
C LEU A 341 13.87 8.59 13.22
N GLU A 342 13.74 9.70 12.55
CA GLU A 342 12.49 9.96 11.73
C GLU A 342 12.43 9.28 10.41
N VAL A 343 12.69 8.00 10.48
CA VAL A 343 12.53 7.12 9.31
C VAL A 343 11.29 6.29 9.44
N MET A 344 10.96 5.63 8.29
CA MET A 344 9.77 4.83 8.23
C MET A 344 8.55 5.60 8.70
N GLN A 345 7.79 4.97 9.57
CA GLN A 345 6.58 5.62 10.14
C GLN A 345 6.87 6.33 11.42
N ASN A 346 8.09 6.34 11.84
CA ASN A 346 8.38 6.79 13.21
C ASN A 346 7.96 8.21 13.63
N LYS A 347 8.15 9.17 12.74
CA LYS A 347 7.98 10.58 13.20
C LYS A 347 6.53 10.79 13.59
N SER A 348 5.64 10.04 12.90
CA SER A 348 4.22 10.16 13.20
C SER A 348 3.84 9.93 14.64
N VAL A 349 4.70 9.30 15.47
CA VAL A 349 4.31 8.98 16.83
C VAL A 349 5.15 9.76 17.88
N PHE A 350 6.09 10.53 17.37
CA PHE A 350 7.03 11.20 18.29
C PHE A 350 6.34 12.17 19.27
N GLU A 351 5.45 13.04 18.75
CA GLU A 351 4.80 13.99 19.63
CA GLU A 351 4.73 13.99 19.60
C GLU A 351 3.94 13.26 20.63
N ASP A 352 3.09 12.36 20.14
CA ASP A 352 2.20 11.64 21.12
C ASP A 352 2.90 10.89 22.27
N LEU A 353 4.00 10.19 21.84
CA LEU A 353 4.73 9.35 22.75
C LEU A 353 5.83 10.09 23.55
N LYS A 354 5.80 11.40 23.48
CA LYS A 354 6.68 12.23 24.29
C LYS A 354 8.15 12.10 23.97
N PHE A 355 8.49 11.80 22.72
CA PHE A 355 9.87 11.96 22.27
C PHE A 355 10.24 13.46 22.04
N GLY A 356 11.47 13.81 22.36
CA GLY A 356 11.95 15.14 22.17
C GLY A 356 12.95 15.17 21.06
N GLU A 357 12.96 16.21 20.29
CA GLU A 357 13.87 16.37 19.17
C GLU A 357 15.28 16.46 19.69
N GLY A 358 16.18 15.68 19.07
CA GLY A 358 17.59 15.75 19.35
C GLY A 358 18.40 16.89 18.76
N ASP A 359 19.72 16.86 18.98
CA ASP A 359 20.53 17.91 18.39
C ASP A 359 21.45 17.42 17.31
N GLY A 360 21.29 16.14 16.93
CA GLY A 360 22.00 15.54 15.83
C GLY A 360 21.02 14.93 14.86
N SER A 361 21.51 14.77 13.64
CA SER A 361 20.82 14.07 12.59
C SER A 361 21.79 13.18 11.88
N LEU A 362 21.26 12.12 11.27
CA LEU A 362 22.06 11.07 10.71
C LEU A 362 21.82 11.17 9.26
N LYS A 363 22.87 11.36 8.49
CA LYS A 363 22.76 11.45 7.01
C LYS A 363 22.99 10.04 6.43
N TYR A 364 22.26 9.72 5.37
CA TYR A 364 22.43 8.52 4.66
C TYR A 364 23.15 8.77 3.31
N TYR A 365 24.18 7.98 2.94
CA TYR A 365 24.93 8.15 1.72
C TYR A 365 25.04 6.87 0.92
N LEU A 366 25.18 7.02 -0.38
CA LEU A 366 25.57 5.88 -1.20
C LEU A 366 26.79 6.28 -1.84
N TYR A 367 27.65 5.29 -2.06
CA TYR A 367 28.83 5.48 -2.89
C TYR A 367 28.66 4.94 -4.30
N ASN A 368 29.15 5.70 -5.27
CA ASN A 368 28.95 5.35 -6.65
C ASN A 368 27.54 4.99 -7.05
N TRP A 369 26.57 5.81 -6.65
CA TRP A 369 25.20 5.71 -7.08
C TRP A 369 24.58 7.12 -7.18
N LYS A 370 23.80 7.30 -8.23
CA LYS A 370 23.19 8.56 -8.62
C LYS A 370 21.66 8.29 -8.64
N CYS A 371 20.95 9.08 -7.83
CA CYS A 371 19.50 8.93 -7.57
C CYS A 371 18.97 10.27 -7.02
N ALA A 372 17.68 10.42 -7.03
CA ALA A 372 17.00 11.52 -6.38
C ALA A 372 17.14 11.31 -4.85
N SER A 373 17.34 12.42 -4.11
CA SER A 373 17.21 12.42 -2.66
C SER A 373 15.75 12.35 -2.25
N PHE A 374 15.43 12.03 -1.00
CA PHE A 374 14.07 11.79 -0.55
C PHE A 374 14.04 12.11 0.92
N ALA A 375 12.83 12.34 1.39
CA ALA A 375 12.56 12.65 2.73
C ALA A 375 12.71 11.36 3.53
N PRO A 376 13.17 11.46 4.76
CA PRO A 376 13.50 10.28 5.59
C PRO A 376 12.36 9.33 5.93
N ALA A 377 11.07 9.77 5.78
CA ALA A 377 9.96 8.87 5.82
C ALA A 377 10.01 7.76 4.82
N HIS A 378 10.82 8.06 3.77
CA HIS A 378 10.93 7.07 2.70
C HIS A 378 12.16 6.12 2.87
N VAL A 379 12.97 6.35 3.95
CA VAL A 379 14.13 5.53 4.22
C VAL A 379 13.61 4.37 5.09
N GLY A 380 13.93 3.14 4.63
CA GLY A 380 13.52 1.92 5.35
C GLY A 380 14.66 1.02 5.83
N ILE A 381 15.75 1.66 6.27
CA ILE A 381 16.83 0.88 6.78
C ILE A 381 17.46 1.67 7.95
N VAL A 382 17.96 0.93 8.89
CA VAL A 382 18.61 1.47 10.10
C VAL A 382 20.01 0.78 10.13
N LEU A 383 21.03 1.59 10.00
CA LEU A 383 22.38 1.09 10.25
C LEU A 383 22.85 1.23 11.64
N LEU A 384 23.88 0.46 12.05
CA LEU A 384 24.27 0.43 13.44
C LEU A 384 25.16 1.53 13.85
N ASP B 1 -15.50 18.46 25.30
N ASP B 1 -15.58 20.38 25.74
CA ASP B 1 -16.92 18.02 25.55
CA ASP B 1 -16.79 19.62 25.37
C ASP B 1 -17.71 17.75 24.27
C ASP B 1 -17.13 19.80 23.90
N TYR B 2 -17.64 18.72 23.36
CA TYR B 2 -18.18 18.66 21.98
C TYR B 2 -19.59 18.14 21.98
N LYS B 3 -20.51 18.91 22.54
CA LYS B 3 -21.84 18.44 22.83
C LYS B 3 -22.60 18.17 21.49
N PHE B 4 -22.32 18.96 20.44
CA PHE B 4 -22.96 18.67 19.16
C PHE B 4 -22.16 17.56 18.47
N TRP B 5 -20.81 17.67 18.39
CA TRP B 5 -20.04 16.68 17.64
C TRP B 5 -20.27 15.27 18.25
N TYR B 6 -20.43 15.17 19.58
N TYR B 6 -20.36 15.14 19.57
CA TYR B 6 -20.63 13.87 20.26
CA TYR B 6 -20.42 13.78 20.09
C TYR B 6 -21.81 13.09 19.73
C TYR B 6 -21.82 13.10 19.82
N THR B 7 -22.79 13.83 19.25
CA THR B 7 -24.04 13.19 18.83
C THR B 7 -23.94 12.71 17.39
N GLN B 8 -22.79 12.96 16.71
CA GLN B 8 -22.61 12.71 15.28
C GLN B 8 -21.81 11.47 15.04
N PRO B 9 -21.98 10.78 13.91
CA PRO B 9 -21.16 9.60 13.52
C PRO B 9 -19.74 10.04 13.10
N VAL B 10 -18.97 10.47 14.07
CA VAL B 10 -17.57 10.83 13.85
C VAL B 10 -16.75 10.24 15.05
N PRO B 11 -15.43 10.20 14.98
CA PRO B 11 -14.66 9.61 16.10
C PRO B 11 -14.81 10.40 17.34
N LYS B 12 -14.81 9.72 18.48
CA LYS B 12 -14.62 10.42 19.76
C LYS B 12 -13.16 10.86 19.83
N ILE B 13 -12.92 11.93 20.58
CA ILE B 13 -11.56 12.45 20.79
C ILE B 13 -10.53 11.35 21.15
N ASN B 14 -10.91 10.32 21.88
CA ASN B 14 -9.92 9.23 22.11
C ASN B 14 -9.95 7.97 21.23
N ASP B 15 -10.71 8.00 20.13
CA ASP B 15 -10.78 6.82 19.28
C ASP B 15 -9.54 6.78 18.37
N GLU B 16 -8.86 5.63 18.38
CA GLU B 16 -7.78 5.42 17.43
CA GLU B 16 -7.72 5.40 17.48
C GLU B 16 -8.01 4.03 16.86
N PHE B 17 -7.85 3.98 15.56
CA PHE B 17 -8.22 2.79 14.75
C PHE B 17 -6.96 2.30 14.02
N ASN B 18 -6.86 0.98 13.90
CA ASN B 18 -5.84 0.31 13.13
C ASN B 18 -5.96 0.56 11.62
N GLU B 19 -4.94 0.27 10.88
CA GLU B 19 -4.91 0.61 9.52
C GLU B 19 -5.91 -0.19 8.75
N SER B 20 -6.21 -1.38 9.19
CA SER B 20 -7.23 -2.23 8.57
C SER B 20 -8.69 -1.74 8.74
N VAL B 21 -8.97 -0.82 9.69
CA VAL B 21 -10.38 -0.36 9.93
C VAL B 21 -10.58 0.73 8.83
N ASN B 22 -11.56 0.54 7.96
CA ASN B 22 -11.89 1.52 6.89
C ASN B 22 -13.31 1.31 6.43
N GLU B 23 -14.22 1.97 7.12
CA GLU B 23 -15.69 1.65 6.99
C GLU B 23 -16.52 2.75 7.61
N PRO B 24 -17.78 2.82 7.29
CA PRO B 24 -18.64 3.80 8.03
C PRO B 24 -18.80 3.55 9.54
N PHE B 25 -19.09 4.62 10.27
CA PHE B 25 -19.68 4.41 11.57
C PHE B 25 -21.04 3.79 11.52
N ILE B 26 -21.88 4.29 10.59
CA ILE B 26 -23.25 3.82 10.44
C ILE B 26 -23.46 3.41 8.96
N SER B 27 -23.79 2.13 8.78
CA SER B 27 -24.09 1.55 7.51
C SER B 27 -25.53 1.30 7.25
N ASP B 28 -25.84 0.81 6.04
CA ASP B 28 -27.26 0.37 5.81
C ASP B 28 -28.33 1.51 6.01
N ASN B 29 -27.94 2.74 5.72
CA ASN B 29 -28.79 3.94 5.69
C ASN B 29 -29.78 3.89 4.52
N LYS B 30 -30.97 4.43 4.72
CA LYS B 30 -32.03 4.43 3.74
C LYS B 30 -32.56 5.84 3.47
N VAL B 31 -32.59 6.24 2.19
CA VAL B 31 -33.20 7.54 1.76
C VAL B 31 -34.65 7.80 2.24
N GLU B 32 -35.44 6.70 2.25
CA GLU B 32 -36.86 6.65 2.62
CA GLU B 32 -36.86 6.81 2.54
C GLU B 32 -37.01 7.16 4.01
N ASP B 33 -36.00 6.84 4.81
CA ASP B 33 -36.07 7.15 6.24
C ASP B 33 -35.67 8.64 6.59
N VAL B 34 -34.87 9.30 5.70
CA VAL B 34 -34.36 10.62 5.92
C VAL B 34 -35.52 11.61 6.27
N ARG B 35 -35.29 12.50 7.23
CA ARG B 35 -36.24 13.59 7.55
C ARG B 35 -36.55 14.35 6.25
N LYS B 36 -37.84 14.55 5.98
CA LYS B 36 -38.25 15.41 4.83
C LYS B 36 -38.56 16.82 5.22
N ASP B 37 -38.43 17.11 6.49
CA ASP B 37 -38.64 18.47 7.00
C ASP B 37 -37.36 19.21 7.15
N GLU B 38 -37.31 20.46 6.70
CA GLU B 38 -36.13 21.34 7.04
C GLU B 38 -35.96 21.44 8.50
N TYR B 39 -34.72 21.47 8.97
CA TYR B 39 -34.54 21.73 10.39
C TYR B 39 -35.10 23.12 10.80
N LYS B 40 -35.57 23.20 12.03
CA LYS B 40 -36.04 24.50 12.44
C LYS B 40 -34.96 25.52 12.81
N LEU B 41 -35.18 26.79 12.45
CA LEU B 41 -34.31 27.88 12.72
C LEU B 41 -35.01 28.69 13.82
N PRO B 42 -34.23 29.53 14.54
CA PRO B 42 -34.89 30.43 15.52
C PRO B 42 -35.91 31.36 14.88
N PRO B 43 -36.89 31.83 15.65
CA PRO B 43 -37.77 32.84 15.12
C PRO B 43 -37.11 34.06 14.40
N GLY B 44 -37.65 34.35 13.23
CA GLY B 44 -37.26 35.48 12.41
C GLY B 44 -36.26 35.07 11.30
N TYR B 45 -35.80 33.82 11.27
CA TYR B 45 -34.79 33.32 10.28
C TYR B 45 -35.44 32.33 9.31
N SER B 46 -35.02 32.38 8.05
N SER B 46 -35.00 32.37 8.07
CA SER B 46 -35.54 31.43 7.05
CA SER B 46 -35.52 31.42 7.09
C SER B 46 -34.40 30.83 6.20
C SER B 46 -34.41 30.84 6.17
N TRP B 47 -34.61 29.59 5.78
CA TRP B 47 -33.72 28.93 4.80
C TRP B 47 -33.93 29.66 3.46
N TYR B 48 -32.84 29.86 2.74
CA TYR B 48 -32.91 30.44 1.42
C TYR B 48 -32.24 29.52 0.44
N VAL B 49 -32.91 29.34 -0.68
N VAL B 49 -32.87 29.21 -0.68
CA VAL B 49 -32.34 28.63 -1.80
CA VAL B 49 -32.08 28.48 -1.71
C VAL B 49 -31.34 29.60 -2.49
C VAL B 49 -31.31 29.41 -2.65
N CYS B 50 -30.01 29.31 -2.50
CA CYS B 50 -29.04 30.28 -3.12
C CYS B 50 -28.77 29.82 -4.53
N ASP B 51 -29.08 30.61 -5.57
CA ASP B 51 -28.67 30.21 -6.90
C ASP B 51 -27.36 30.82 -7.25
N VAL B 52 -26.27 30.06 -7.20
CA VAL B 52 -24.93 30.69 -7.34
C VAL B 52 -24.67 31.28 -8.70
N LYS B 53 -25.40 30.82 -9.71
CA LYS B 53 -25.29 31.39 -11.04
C LYS B 53 -25.97 32.72 -11.19
N ASP B 54 -26.90 33.03 -10.30
CA ASP B 54 -27.61 34.33 -10.29
C ASP B 54 -26.78 35.38 -9.61
N GLU B 55 -26.55 36.48 -10.30
CA GLU B 55 -25.62 37.51 -9.86
C GLU B 55 -26.07 37.96 -8.49
N LYS B 56 -27.35 38.26 -8.36
CA LYS B 56 -27.85 38.80 -7.10
C LYS B 56 -27.59 37.88 -5.83
N ASP B 57 -27.97 36.58 -5.99
CA ASP B 57 -27.61 35.62 -5.01
C ASP B 57 -26.11 35.48 -4.73
N ARG B 58 -25.35 35.37 -5.82
CA ARG B 58 -23.91 35.27 -5.67
C ARG B 58 -23.31 36.45 -4.90
N SER B 59 -23.82 37.64 -5.19
CA SER B 59 -23.32 38.83 -4.58
C SER B 59 -23.64 38.83 -3.10
N GLU B 60 -24.77 38.21 -2.70
N GLU B 60 -24.75 38.21 -2.69
CA GLU B 60 -25.12 38.13 -1.29
CA GLU B 60 -25.09 38.15 -1.27
C GLU B 60 -24.19 37.17 -0.59
C GLU B 60 -24.19 37.16 -0.57
N ILE B 61 -23.89 36.04 -1.23
CA ILE B 61 -22.88 35.09 -0.63
C ILE B 61 -21.55 35.75 -0.46
N TYR B 62 -21.16 36.47 -1.48
CA TYR B 62 -19.92 37.19 -1.46
C TYR B 62 -19.81 38.13 -0.29
N THR B 63 -20.84 38.95 -0.14
CA THR B 63 -20.82 40.00 0.96
C THR B 63 -20.72 39.30 2.27
N LEU B 64 -21.52 38.23 2.46
CA LEU B 64 -21.42 37.54 3.71
C LEU B 64 -20.02 37.00 4.07
N LEU B 65 -19.44 36.30 3.10
CA LEU B 65 -18.10 35.74 3.33
C LEU B 65 -17.04 36.83 3.43
N THR B 66 -17.13 37.90 2.64
CA THR B 66 -16.18 39.06 2.74
C THR B 66 -16.20 39.62 4.10
N ASP B 67 -17.40 39.77 4.67
CA ASP B 67 -17.41 40.42 5.98
C ASP B 67 -17.22 39.49 7.17
N ASN B 68 -17.42 38.16 6.99
CA ASN B 68 -17.62 37.32 8.20
C ASN B 68 -16.87 35.99 8.17
N TYR B 69 -16.05 35.78 7.15
CA TYR B 69 -15.30 34.49 7.01
C TYR B 69 -14.05 34.39 7.85
N VAL B 70 -13.25 33.42 7.53
CA VAL B 70 -12.09 32.97 8.29
C VAL B 70 -11.00 34.01 8.40
N GLU B 71 -10.53 34.28 9.61
CA GLU B 71 -9.39 35.19 9.88
C GLU B 71 -8.22 34.38 10.43
N ASP B 72 -7.00 34.89 10.24
CA ASP B 72 -5.85 34.32 10.95
C ASP B 72 -6.03 34.52 12.43
N ASP B 73 -5.13 33.92 13.20
CA ASP B 73 -5.27 33.85 14.64
C ASP B 73 -5.25 35.19 15.33
N ASP B 74 -4.61 36.16 14.69
CA ASP B 74 -4.43 37.51 15.21
C ASP B 74 -5.42 38.50 14.68
N ASN B 75 -6.35 38.04 13.81
CA ASN B 75 -7.48 38.86 13.32
C ASN B 75 -6.96 40.10 12.54
N ILE B 76 -5.94 39.86 11.76
CA ILE B 76 -5.41 40.81 10.80
C ILE B 76 -5.87 40.48 9.31
N PHE B 77 -5.98 39.19 8.97
CA PHE B 77 -6.25 38.85 7.58
C PHE B 77 -7.52 38.04 7.54
N ARG B 78 -8.41 38.40 6.61
CA ARG B 78 -9.68 37.66 6.43
C ARG B 78 -9.78 37.15 5.00
N PHE B 79 -10.02 35.87 4.82
CA PHE B 79 -10.26 35.27 3.48
C PHE B 79 -11.25 36.12 2.72
N ASN B 80 -10.99 36.33 1.40
CA ASN B 80 -11.81 37.17 0.64
C ASN B 80 -11.94 36.48 -0.74
N TYR B 81 -12.48 35.29 -0.74
CA TYR B 81 -12.90 34.64 -1.99
C TYR B 81 -13.64 35.59 -2.86
N SER B 82 -13.22 35.65 -4.15
CA SER B 82 -13.94 36.49 -5.12
C SER B 82 -15.32 35.81 -5.52
N ALA B 83 -16.22 36.65 -6.03
CA ALA B 83 -17.54 36.19 -6.49
C ALA B 83 -17.34 35.17 -7.61
N GLU B 84 -16.39 35.38 -8.53
N GLU B 84 -16.37 35.45 -8.47
CA GLU B 84 -16.13 34.34 -9.56
CA GLU B 84 -15.93 34.56 -9.54
C GLU B 84 -15.43 33.10 -9.02
C GLU B 84 -15.43 33.21 -9.03
N PHE B 85 -14.57 33.26 -8.02
CA PHE B 85 -14.07 32.06 -7.33
C PHE B 85 -15.25 31.26 -6.77
N LEU B 86 -16.20 31.88 -6.12
CA LEU B 86 -17.33 31.18 -5.55
C LEU B 86 -18.11 30.44 -6.65
N LEU B 87 -18.39 31.17 -7.72
CA LEU B 87 -19.09 30.53 -8.82
C LEU B 87 -18.29 29.29 -9.26
N TRP B 88 -16.98 29.39 -9.48
CA TRP B 88 -16.22 28.19 -9.75
C TRP B 88 -16.29 27.04 -8.77
N ALA B 89 -16.08 27.37 -7.50
CA ALA B 89 -16.00 26.41 -6.41
C ALA B 89 -17.30 25.61 -6.31
N LEU B 90 -18.39 26.29 -6.63
CA LEU B 90 -19.72 25.78 -6.23
C LEU B 90 -20.47 25.11 -7.39
N THR B 91 -19.94 25.35 -8.59
CA THR B 91 -20.67 24.76 -9.78
C THR B 91 -19.98 23.63 -10.54
N SER B 92 -19.16 22.85 -9.83
CA SER B 92 -18.51 21.69 -10.41
C SER B 92 -19.49 20.66 -10.95
N PRO B 93 -18.95 19.74 -11.73
CA PRO B 93 -19.89 18.90 -12.42
C PRO B 93 -20.85 18.12 -11.55
N ASN B 94 -22.10 18.15 -12.02
CA ASN B 94 -23.22 17.51 -11.34
C ASN B 94 -23.60 18.09 -9.96
N TYR B 95 -23.21 19.35 -9.73
CA TYR B 95 -23.55 19.97 -8.47
C TYR B 95 -25.04 20.02 -8.20
N LEU B 96 -25.38 20.07 -6.92
CA LEU B 96 -26.81 20.12 -6.51
C LEU B 96 -27.10 21.54 -6.07
N LYS B 97 -27.99 22.26 -6.75
CA LYS B 97 -28.43 23.56 -6.17
C LYS B 97 -29.00 23.48 -4.72
N THR B 98 -29.55 22.31 -4.34
CA THR B 98 -30.19 22.11 -3.01
C THR B 98 -29.08 22.21 -1.96
N TRP B 99 -27.83 22.00 -2.40
CA TRP B 99 -26.74 21.96 -1.41
C TRP B 99 -26.05 23.29 -1.21
N HIS B 100 -26.63 24.39 -1.74
CA HIS B 100 -26.11 25.73 -1.51
C HIS B 100 -27.16 26.44 -0.69
N ILE B 101 -26.89 26.55 0.59
CA ILE B 101 -27.84 26.84 1.61
C ILE B 101 -27.58 28.14 2.32
N GLY B 102 -28.52 29.11 2.17
CA GLY B 102 -28.46 30.34 2.90
C GLY B 102 -29.45 30.37 4.06
N VAL B 103 -29.19 31.31 4.98
CA VAL B 103 -30.14 31.63 6.03
C VAL B 103 -30.30 33.12 6.04
N LYS B 104 -31.54 33.59 5.93
CA LYS B 104 -31.86 35.00 5.99
C LYS B 104 -32.56 35.43 7.29
N TYR B 105 -32.29 36.67 7.71
CA TYR B 105 -33.02 37.30 8.77
C TYR B 105 -34.16 38.00 8.00
N ASP B 106 -35.40 37.57 8.20
CA ASP B 106 -36.55 38.02 7.36
C ASP B 106 -36.84 39.51 7.41
N ALA B 107 -36.63 40.14 8.57
CA ALA B 107 -37.10 41.50 8.66
C ALA B 107 -36.30 42.33 7.69
N SER B 108 -35.03 41.99 7.55
CA SER B 108 -34.10 42.83 6.79
C SER B 108 -33.78 42.16 5.51
N ASN B 109 -34.26 40.92 5.31
CA ASN B 109 -34.02 40.21 4.04
C ASN B 109 -32.51 40.12 3.70
N LYS B 110 -31.70 40.02 4.74
CA LYS B 110 -30.25 39.86 4.47
CA LYS B 110 -30.24 39.91 4.56
C LYS B 110 -29.74 38.44 4.82
N LEU B 111 -28.72 38.09 4.10
CA LEU B 111 -28.03 36.81 4.20
C LEU B 111 -27.17 36.79 5.52
N ILE B 112 -27.50 35.94 6.50
CA ILE B 112 -26.68 35.81 7.75
C ILE B 112 -25.98 34.50 8.01
N GLY B 113 -26.31 33.49 7.21
CA GLY B 113 -25.57 32.17 7.27
C GLY B 113 -25.50 31.55 5.89
N PHE B 114 -24.47 30.71 5.80
CA PHE B 114 -24.32 29.94 4.56
C PHE B 114 -23.66 28.64 4.87
N ILE B 115 -23.98 27.62 4.07
CA ILE B 115 -23.21 26.35 3.99
C ILE B 115 -23.43 25.72 2.67
N SER B 116 -22.36 25.06 2.25
CA SER B 116 -22.39 24.45 0.92
C SER B 116 -21.78 23.07 0.86
N ALA B 117 -22.21 22.32 -0.13
CA ALA B 117 -21.41 21.10 -0.44
C ALA B 117 -21.45 20.86 -1.95
N ILE B 118 -20.54 20.06 -2.42
CA ILE B 118 -20.53 19.59 -3.81
C ILE B 118 -20.23 18.12 -3.73
N PRO B 119 -20.66 17.33 -4.71
CA PRO B 119 -20.33 15.92 -4.77
C PRO B 119 -18.96 15.63 -5.30
N THR B 120 -18.26 14.68 -4.69
CA THR B 120 -16.89 14.26 -5.14
C THR B 120 -16.71 12.73 -4.86
N ASP B 121 -16.06 12.02 -5.71
CA ASP B 121 -15.60 10.61 -5.39
C ASP B 121 -14.31 10.74 -4.59
N ILE B 122 -14.31 10.16 -3.44
CA ILE B 122 -13.16 10.25 -2.49
C ILE B 122 -12.67 8.84 -2.23
N CYS B 123 -11.37 8.72 -2.59
CA CYS B 123 -10.65 7.46 -2.22
C CYS B 123 -9.89 7.54 -0.90
N ILE B 124 -10.37 6.79 0.11
CA ILE B 124 -9.77 6.79 1.45
C ILE B 124 -9.27 5.35 1.66
N HIS B 125 -7.94 5.23 1.78
CA HIS B 125 -7.28 3.93 2.04
C HIS B 125 -7.79 2.88 1.07
N LYS B 126 -7.79 3.32 -0.20
CA LYS B 126 -8.12 2.44 -1.32
C LYS B 126 -9.56 2.03 -1.42
N ARG B 127 -10.48 2.62 -0.67
CA ARG B 127 -11.87 2.46 -1.01
C ARG B 127 -12.41 3.77 -1.52
N THR B 128 -13.14 3.74 -2.60
CA THR B 128 -13.70 4.90 -3.24
C THR B 128 -15.19 5.02 -2.97
N ILE B 129 -15.51 6.18 -2.39
CA ILE B 129 -16.83 6.44 -1.81
C ILE B 129 -17.43 7.72 -2.33
N LYS B 130 -18.66 7.75 -2.75
CA LYS B 130 -19.32 9.01 -3.18
C LYS B 130 -19.48 9.86 -1.94
N MET B 131 -18.96 11.06 -1.91
CA MET B 131 -19.07 11.92 -0.80
C MET B 131 -19.57 13.25 -1.16
N ALA B 132 -19.91 14.00 -0.13
CA ALA B 132 -20.04 15.49 -0.27
C ALA B 132 -18.83 16.16 0.31
N GLU B 133 -18.32 17.18 -0.38
CA GLU B 133 -17.25 18.08 0.12
C GLU B 133 -17.90 19.34 0.68
N VAL B 134 -17.95 19.49 1.99
CA VAL B 134 -18.55 20.70 2.59
C VAL B 134 -17.58 21.85 2.72
N ASN B 135 -18.07 23.05 2.44
CA ASN B 135 -17.19 24.23 2.47
C ASN B 135 -18.05 25.50 2.62
N PHE B 136 -17.38 26.55 3.09
CA PHE B 136 -18.00 27.91 3.15
C PHE B 136 -19.04 28.05 4.28
N LEU B 137 -18.98 27.24 5.29
CA LEU B 137 -19.80 27.46 6.50
C LEU B 137 -19.51 28.84 7.11
N CYS B 138 -20.54 29.65 7.27
CA CYS B 138 -20.33 30.99 7.80
C CYS B 138 -21.60 31.45 8.44
N VAL B 139 -21.38 31.97 9.62
CA VAL B 139 -22.48 32.68 10.37
C VAL B 139 -22.00 34.10 10.61
N HIS B 140 -22.95 35.01 10.45
CA HIS B 140 -22.61 36.47 10.59
C HIS B 140 -21.97 36.70 12.00
N LYS B 141 -21.00 37.62 12.05
CA LYS B 141 -20.26 37.90 13.28
C LYS B 141 -21.19 38.37 14.40
N THR B 142 -22.32 38.96 14.10
CA THR B 142 -23.20 39.51 15.14
C THR B 142 -24.01 38.34 15.72
N LEU B 143 -23.96 37.16 15.12
CA LEU B 143 -24.87 36.02 15.56
C LEU B 143 -24.09 34.80 15.99
N ARG B 144 -22.86 35.04 16.39
CA ARG B 144 -21.96 33.93 16.81
C ARG B 144 -22.29 33.32 18.23
N SER B 145 -21.94 32.03 18.39
CA SER B 145 -22.17 31.27 19.60
C SER B 145 -23.62 31.18 19.95
N LYS B 146 -24.50 31.08 18.98
CA LYS B 146 -25.89 30.91 19.23
C LYS B 146 -26.36 29.54 18.83
N ARG B 147 -25.45 28.61 18.46
CA ARG B 147 -25.81 27.24 18.02
C ARG B 147 -26.57 27.28 16.66
N LEU B 148 -26.24 28.26 15.84
CA LEU B 148 -26.71 28.26 14.45
C LEU B 148 -25.88 27.23 13.64
N ALA B 149 -24.55 27.07 13.91
CA ALA B 149 -23.77 26.25 12.95
C ALA B 149 -24.29 24.76 12.99
N PRO B 150 -24.63 24.19 14.21
CA PRO B 150 -25.15 22.78 14.13
C PRO B 150 -26.45 22.68 13.32
N VAL B 151 -27.28 23.74 13.31
CA VAL B 151 -28.47 23.72 12.40
C VAL B 151 -28.08 23.66 10.92
N LEU B 152 -27.14 24.46 10.50
CA LEU B 152 -26.59 24.46 9.13
C LEU B 152 -26.05 23.10 8.76
N ILE B 153 -25.29 22.55 9.70
CA ILE B 153 -24.69 21.24 9.51
C ILE B 153 -25.72 20.12 9.35
N LYS B 154 -26.66 20.11 10.27
CA LYS B 154 -27.72 19.09 10.26
C LYS B 154 -28.59 19.22 8.97
N GLU B 155 -28.89 20.42 8.55
CA GLU B 155 -29.69 20.64 7.35
C GLU B 155 -28.96 20.22 6.07
N ILE B 156 -27.67 20.52 5.94
CA ILE B 156 -26.94 20.03 4.78
C ILE B 156 -26.81 18.52 4.82
N THR B 157 -26.62 17.95 6.04
CA THR B 157 -26.51 16.49 6.14
C THR B 157 -27.77 15.90 5.62
N ARG B 158 -28.91 16.49 5.96
CA ARG B 158 -30.17 15.95 5.57
C ARG B 158 -30.33 16.00 4.05
N ARG B 159 -29.94 17.12 3.49
CA ARG B 159 -30.20 17.25 1.99
C ARG B 159 -29.19 16.36 1.22
N ILE B 160 -28.02 16.07 1.82
CA ILE B 160 -26.97 15.20 1.21
C ILE B 160 -27.49 13.73 1.27
N ASN B 161 -28.06 13.32 2.42
CA ASN B 161 -28.60 12.00 2.65
C ASN B 161 -29.75 11.76 1.65
N LEU B 162 -30.53 12.78 1.32
CA LEU B 162 -31.60 12.65 0.25
C LEU B 162 -31.10 12.21 -1.08
N GLU B 163 -29.79 12.34 -1.31
CA GLU B 163 -29.14 11.89 -2.56
C GLU B 163 -28.41 10.56 -2.35
N ASN B 164 -28.71 9.90 -1.24
CA ASN B 164 -28.11 8.58 -0.96
C ASN B 164 -26.59 8.61 -0.76
N ILE B 165 -26.17 9.71 -0.12
CA ILE B 165 -24.74 9.99 0.14
C ILE B 165 -24.70 10.15 1.65
N TRP B 166 -23.83 9.39 2.26
CA TRP B 166 -23.78 9.16 3.74
C TRP B 166 -22.43 9.52 4.32
N GLN B 167 -21.43 9.95 3.48
CA GLN B 167 -20.07 10.35 3.90
C GLN B 167 -19.81 11.75 3.38
N ALA B 168 -18.96 12.51 4.10
CA ALA B 168 -18.48 13.77 3.59
C ALA B 168 -17.03 13.99 4.02
N ILE B 169 -16.34 14.91 3.30
CA ILE B 169 -14.99 15.35 3.62
C ILE B 169 -15.11 16.86 3.87
N TYR B 170 -14.39 17.36 4.81
CA TYR B 170 -14.33 18.75 5.09
C TYR B 170 -13.00 19.10 5.77
N THR B 171 -12.65 20.37 5.79
CA THR B 171 -11.40 20.77 6.44
C THR B 171 -11.72 21.93 7.36
N ALA B 172 -10.84 22.20 8.32
CA ALA B 172 -11.00 23.38 9.18
C ALA B 172 -9.67 23.69 9.82
N GLY B 173 -9.48 24.95 10.28
CA GLY B 173 -8.35 25.32 11.05
C GLY B 173 -8.59 24.96 12.49
N VAL B 174 -9.83 24.85 12.90
CA VAL B 174 -10.13 24.46 14.25
C VAL B 174 -10.03 22.93 14.46
N TYR B 175 -9.61 22.54 15.65
CA TYR B 175 -9.67 21.17 16.15
C TYR B 175 -11.09 20.71 16.50
N LEU B 176 -11.52 19.59 15.91
CA LEU B 176 -12.84 19.01 16.10
C LEU B 176 -12.66 17.51 16.15
N PRO B 177 -13.65 16.77 16.65
CA PRO B 177 -13.55 15.31 16.65
C PRO B 177 -13.74 14.74 15.22
N LYS B 178 -12.79 14.05 14.59
CA LYS B 178 -11.38 13.95 14.93
C LYS B 178 -10.60 13.98 13.63
N PRO B 179 -9.47 14.70 13.56
CA PRO B 179 -8.79 14.75 12.22
C PRO B 179 -8.33 13.38 11.76
N VAL B 180 -8.42 13.13 10.47
CA VAL B 180 -7.73 12.00 9.91
C VAL B 180 -6.28 12.44 9.59
N SER B 181 -6.07 13.75 9.38
CA SER B 181 -4.68 14.25 9.13
C SER B 181 -4.68 15.71 9.45
N ASP B 182 -3.51 16.25 9.77
CA ASP B 182 -3.37 17.66 10.10
C ASP B 182 -2.13 18.16 9.35
N ALA B 183 -2.24 19.24 8.57
CA ALA B 183 -1.15 19.72 7.67
C ALA B 183 -0.93 21.20 7.98
N ARG B 184 0.28 21.58 8.37
CA ARG B 184 0.60 23.00 8.55
C ARG B 184 0.71 23.72 7.19
N TYR B 185 0.36 25.00 7.24
N TYR B 185 0.37 25.01 7.22
CA TYR B 185 0.71 25.93 6.15
CA TYR B 185 0.67 25.93 6.13
C TYR B 185 2.15 26.35 6.27
C TYR B 185 2.11 26.39 6.25
N TYR B 186 2.73 26.54 5.09
CA TYR B 186 3.97 27.22 4.90
C TYR B 186 3.80 28.28 3.79
N HIS B 187 4.64 29.30 3.84
CA HIS B 187 4.46 30.55 3.08
C HIS B 187 5.74 30.93 2.44
N ARG B 188 5.74 31.07 1.12
CA ARG B 188 6.90 31.57 0.44
C ARG B 188 6.67 32.98 0.00
N SER B 189 7.42 33.84 0.64
CA SER B 189 7.33 35.29 0.42
C SER B 189 7.74 35.67 -1.03
N ILE B 190 6.99 36.55 -1.66
CA ILE B 190 7.29 37.06 -3.03
C ILE B 190 7.48 38.60 -3.05
N ASN B 191 6.47 39.32 -2.62
CA ASN B 191 6.58 40.77 -2.42
C ASN B 191 6.90 41.07 -0.97
N VAL B 192 8.17 41.00 -0.68
CA VAL B 192 8.68 41.09 0.72
C VAL B 192 8.31 42.35 1.48
N LYS B 193 8.57 43.48 0.87
CA LYS B 193 8.33 44.70 1.61
C LYS B 193 6.84 44.81 2.02
N LYS B 194 5.91 44.42 1.15
CA LYS B 194 4.51 44.57 1.46
C LYS B 194 4.22 43.58 2.54
N LEU B 195 4.73 42.30 2.53
CA LEU B 195 4.42 41.34 3.63
C LEU B 195 4.96 41.84 4.95
N ILE B 196 6.11 42.54 4.91
CA ILE B 196 6.66 43.16 6.18
C ILE B 196 5.72 44.30 6.65
N GLU B 197 5.38 45.23 5.75
CA GLU B 197 4.61 46.38 6.12
C GLU B 197 3.23 45.99 6.64
N ILE B 198 2.64 44.89 6.15
CA ILE B 198 1.31 44.49 6.61
C ILE B 198 1.34 43.53 7.81
N GLY B 199 2.53 43.13 8.29
CA GLY B 199 2.67 42.23 9.45
C GLY B 199 2.35 40.76 9.09
N PHE B 200 2.46 40.38 7.82
CA PHE B 200 2.35 38.96 7.42
C PHE B 200 3.69 38.29 7.78
N SER B 201 4.83 38.94 7.55
CA SER B 201 6.08 38.36 7.98
C SER B 201 6.82 39.40 8.78
N SER B 202 7.97 39.02 9.32
CA SER B 202 8.80 39.91 10.14
C SER B 202 10.22 40.11 9.66
N LEU B 203 10.76 41.31 9.91
CA LEU B 203 12.21 41.52 9.89
C LEU B 203 12.85 41.44 11.29
N ASN B 204 14.15 41.41 11.29
CA ASN B 204 15.07 41.67 12.43
C ASN B 204 16.36 41.73 11.66
N SER B 205 16.91 40.57 11.32
CA SER B 205 17.32 39.54 12.24
C SER B 205 18.37 40.25 13.01
N ARG B 206 19.31 40.85 12.34
CA ARG B 206 20.11 40.22 11.30
C ARG B 206 19.47 40.09 9.94
N LEU B 207 18.29 40.65 9.82
CA LEU B 207 17.60 40.63 8.54
C LEU B 207 17.06 42.04 8.36
N THR B 208 17.80 42.87 7.64
CA THR B 208 17.32 44.18 7.25
C THR B 208 16.36 44.09 6.09
N MET B 209 15.66 45.18 5.80
CA MET B 209 14.70 45.22 4.66
C MET B 209 15.37 44.87 3.34
N SER B 210 16.47 45.53 2.97
CA SER B 210 17.20 45.12 1.76
C SER B 210 17.67 43.62 1.79
N ARG B 211 18.16 43.13 2.93
CA ARG B 211 18.59 41.70 2.83
C ARG B 211 17.39 40.73 2.76
N ALA B 212 16.29 41.10 3.36
CA ALA B 212 15.07 40.29 3.20
C ALA B 212 14.65 40.21 1.72
N ILE B 213 14.61 41.33 1.07
CA ILE B 213 14.18 41.39 -0.27
C ILE B 213 15.21 40.56 -1.06
N LYS B 214 16.49 40.66 -0.74
CA LYS B 214 17.46 39.86 -1.48
C LYS B 214 17.22 38.40 -1.30
N LEU B 215 17.00 37.96 -0.04
CA LEU B 215 16.85 36.58 0.33
C LEU B 215 15.73 35.96 -0.53
N TYR B 216 14.67 36.68 -0.86
CA TYR B 216 13.51 36.10 -1.65
C TYR B 216 13.41 36.46 -3.05
N ARG B 217 14.48 37.09 -3.58
CA ARG B 217 14.57 37.42 -5.02
C ARG B 217 14.59 36.13 -5.84
N VAL B 218 13.87 36.12 -6.98
CA VAL B 218 14.04 35.00 -7.90
C VAL B 218 14.35 35.37 -9.34
N GLU B 219 14.88 34.43 -10.06
CA GLU B 219 15.28 34.61 -11.43
C GLU B 219 14.02 34.41 -12.27
N ASP B 220 13.82 35.33 -13.20
CA ASP B 220 12.65 35.26 -14.05
C ASP B 220 12.82 34.32 -15.22
N THR B 221 13.25 33.08 -14.91
CA THR B 221 13.50 32.08 -15.97
C THR B 221 13.01 30.73 -15.44
N LEU B 222 12.12 30.05 -16.19
CA LEU B 222 11.61 28.73 -15.87
C LEU B 222 12.65 27.65 -15.94
N ASN B 223 12.67 26.71 -15.01
CA ASN B 223 13.37 25.47 -15.11
C ASN B 223 12.89 24.60 -16.26
N ILE B 224 11.56 24.61 -16.42
CA ILE B 224 10.83 23.86 -17.41
C ILE B 224 10.31 24.81 -18.41
N LYS B 225 11.12 25.00 -19.46
CA LYS B 225 10.94 26.15 -20.32
C LYS B 225 9.59 26.29 -21.03
N ASN B 226 9.01 25.17 -21.35
CA ASN B 226 7.78 25.16 -22.11
C ASN B 226 6.52 25.09 -21.24
N MET B 227 6.61 25.32 -19.96
N MET B 227 6.61 25.32 -19.95
CA MET B 227 5.45 25.38 -19.11
CA MET B 227 5.43 25.39 -19.12
C MET B 227 4.53 26.45 -19.67
C MET B 227 4.54 26.45 -19.69
N ARG B 228 3.28 26.11 -19.88
CA ARG B 228 2.33 27.07 -20.51
C ARG B 228 0.96 26.85 -19.96
N LEU B 229 0.15 27.91 -20.09
CA LEU B 229 -1.25 27.77 -19.63
C LEU B 229 -1.93 26.59 -20.29
N MET B 230 -2.64 25.94 -19.43
CA MET B 230 -3.39 24.82 -19.89
C MET B 230 -4.50 25.18 -20.84
N LYS B 231 -4.71 24.38 -21.88
CA LYS B 231 -5.84 24.61 -22.74
CA LYS B 231 -5.72 24.56 -22.95
C LYS B 231 -6.72 23.38 -22.86
N LYS B 232 -7.89 23.54 -23.47
CA LYS B 232 -8.85 22.42 -23.51
C LYS B 232 -8.27 21.07 -24.07
N LYS B 233 -7.43 21.12 -25.08
CA LYS B 233 -6.84 19.88 -25.66
CA LYS B 233 -6.78 19.92 -25.68
C LYS B 233 -5.98 19.13 -24.66
N ASP B 234 -5.49 19.82 -23.60
CA ASP B 234 -4.73 19.16 -22.58
C ASP B 234 -5.53 18.36 -21.53
N VAL B 235 -6.85 18.44 -21.51
CA VAL B 235 -7.60 17.79 -20.46
C VAL B 235 -7.31 16.29 -20.30
N GLU B 236 -7.19 15.55 -21.40
CA GLU B 236 -7.03 14.13 -21.25
C GLU B 236 -5.63 13.83 -20.67
N GLY B 237 -4.60 14.54 -21.17
CA GLY B 237 -3.25 14.35 -20.67
C GLY B 237 -3.16 14.77 -19.20
N VAL B 238 -3.77 15.83 -18.78
CA VAL B 238 -3.79 16.14 -17.32
C VAL B 238 -4.57 15.12 -16.48
N HIS B 239 -5.63 14.61 -17.05
CA HIS B 239 -6.33 13.60 -16.32
C HIS B 239 -5.49 12.33 -16.09
N LYS B 240 -4.80 11.91 -17.13
CA LYS B 240 -3.97 10.75 -16.94
C LYS B 240 -2.81 11.02 -15.99
N LEU B 241 -2.08 12.11 -16.22
CA LEU B 241 -0.87 12.47 -15.37
C LEU B 241 -1.35 12.56 -13.90
N LEU B 242 -2.35 13.38 -13.64
CA LEU B 242 -2.80 13.60 -12.26
C LEU B 242 -3.40 12.36 -11.63
N GLY B 243 -4.21 11.70 -12.40
CA GLY B 243 -4.99 10.52 -11.94
C GLY B 243 -3.99 9.47 -11.51
N SER B 244 -2.97 9.18 -12.34
CA SER B 244 -1.91 8.16 -11.94
C SER B 244 -1.16 8.62 -10.73
N TYR B 245 -0.81 9.92 -10.67
CA TYR B 245 0.02 10.36 -9.59
C TYR B 245 -0.72 10.28 -8.23
N LEU B 246 -2.01 10.55 -8.26
CA LEU B 246 -2.73 10.58 -7.03
C LEU B 246 -2.92 9.29 -6.31
N GLU B 247 -2.86 8.20 -7.08
CA GLU B 247 -3.12 6.83 -6.59
C GLU B 247 -2.22 6.40 -5.49
N GLN B 248 -1.10 7.09 -5.32
CA GLN B 248 -0.19 6.68 -4.26
C GLN B 248 -0.69 7.12 -2.83
N PHE B 249 -1.66 8.06 -2.74
CA PHE B 249 -2.01 8.71 -1.50
C PHE B 249 -3.07 7.93 -0.83
N ASN B 250 -3.16 8.21 0.46
CA ASN B 250 -4.20 7.57 1.33
C ASN B 250 -5.57 8.23 1.33
N LEU B 251 -5.59 9.45 0.79
CA LEU B 251 -6.77 10.28 0.68
C LEU B 251 -6.62 11.16 -0.59
N TYR B 252 -7.49 10.98 -1.59
CA TYR B 252 -7.50 11.79 -2.76
C TYR B 252 -8.78 11.72 -3.54
N ALA B 253 -9.14 12.75 -4.32
CA ALA B 253 -10.33 12.69 -5.21
C ALA B 253 -10.07 11.93 -6.44
N VAL B 254 -11.04 11.18 -6.95
CA VAL B 254 -10.96 10.40 -8.11
C VAL B 254 -11.66 11.29 -9.13
N PHE B 255 -10.90 12.05 -9.91
CA PHE B 255 -11.49 12.97 -10.89
C PHE B 255 -11.84 12.26 -12.17
N THR B 256 -13.00 12.58 -12.69
CA THR B 256 -13.38 12.30 -14.07
C THR B 256 -12.77 13.36 -15.01
N LYS B 257 -12.91 13.00 -16.24
CA LYS B 257 -12.46 13.93 -17.26
CA LYS B 257 -12.45 13.93 -17.28
C LYS B 257 -13.08 15.46 -17.28
N GLU B 258 -14.35 15.18 -16.99
CA GLU B 258 -15.18 16.33 -16.76
CA GLU B 258 -15.21 16.35 -16.79
C GLU B 258 -14.79 17.39 -15.54
N GLU B 259 -14.45 16.61 -14.49
CA GLU B 259 -13.97 17.28 -13.28
C GLU B 259 -12.59 17.83 -13.56
N ILE B 260 -11.74 17.11 -14.27
CA ILE B 260 -10.43 17.72 -14.62
C ILE B 260 -10.59 19.10 -15.40
N ALA B 261 -11.38 19.11 -16.50
CA ALA B 261 -11.76 20.32 -17.12
C ALA B 261 -12.20 21.45 -16.18
N HIS B 262 -13.19 21.15 -15.30
CA HIS B 262 -13.68 22.18 -14.43
C HIS B 262 -12.62 22.67 -13.48
N TRP B 263 -11.89 21.81 -12.84
CA TRP B 263 -11.08 22.25 -11.62
C TRP B 263 -9.77 22.83 -12.14
N PHE B 264 -9.35 22.54 -13.38
CA PHE B 264 -7.99 22.97 -13.86
C PHE B 264 -7.97 23.94 -15.05
N LEU B 265 -8.99 23.98 -15.92
CA LEU B 265 -8.80 24.98 -17.00
C LEU B 265 -8.74 26.42 -16.46
N PRO B 266 -7.81 27.26 -16.97
CA PRO B 266 -7.53 28.53 -16.29
C PRO B 266 -8.73 29.50 -16.33
N ILE B 267 -8.90 30.21 -15.23
CA ILE B 267 -9.85 31.34 -15.15
C ILE B 267 -9.06 32.38 -14.39
N GLU B 268 -8.79 33.48 -15.12
CA GLU B 268 -8.12 34.64 -14.61
CA GLU B 268 -8.05 34.58 -14.57
C GLU B 268 -8.57 35.00 -13.18
N ASN B 269 -7.59 35.12 -12.29
CA ASN B 269 -7.85 35.52 -10.90
C ASN B 269 -8.62 34.50 -10.08
N VAL B 270 -8.67 33.29 -10.55
CA VAL B 270 -9.33 32.15 -9.90
C VAL B 270 -8.41 30.88 -9.83
N ILE B 271 -8.06 30.31 -11.01
CA ILE B 271 -7.37 29.02 -11.04
C ILE B 271 -6.38 29.11 -12.22
N TYR B 272 -5.14 28.80 -11.92
CA TYR B 272 -4.04 28.87 -12.87
C TYR B 272 -3.50 27.48 -12.97
N THR B 273 -3.40 26.95 -14.18
CA THR B 273 -2.78 25.67 -14.39
C THR B 273 -1.88 25.79 -15.62
N TYR B 274 -0.66 25.26 -15.48
CA TYR B 274 0.35 25.21 -16.48
C TYR B 274 0.75 23.81 -16.72
N VAL B 275 1.07 23.51 -17.97
CA VAL B 275 1.46 22.17 -18.34
C VAL B 275 2.74 22.23 -19.18
N ASN B 276 3.54 21.15 -19.13
CA ASN B 276 4.63 20.89 -20.05
C ASN B 276 4.24 19.76 -20.98
N GLU B 277 4.03 20.07 -22.26
CA GLU B 277 3.72 18.99 -23.25
C GLU B 277 5.00 18.67 -24.04
N GLU B 278 5.30 17.38 -24.11
N GLU B 278 5.36 17.39 -24.11
CA GLU B 278 6.42 16.87 -24.93
CA GLU B 278 6.51 16.91 -24.92
C GLU B 278 5.86 15.71 -25.72
C GLU B 278 6.12 15.64 -25.65
N ASN B 279 6.19 15.64 -26.99
CA ASN B 279 5.55 14.68 -27.94
C ASN B 279 4.06 14.47 -27.77
N GLY B 280 3.38 15.55 -27.68
CA GLY B 280 1.95 15.49 -27.41
C GLY B 280 1.54 14.74 -26.16
N LYS B 281 2.45 14.55 -25.17
CA LYS B 281 2.08 13.98 -23.88
C LYS B 281 2.24 15.07 -22.82
N ILE B 282 1.31 15.11 -21.84
CA ILE B 282 1.46 16.08 -20.76
C ILE B 282 2.35 15.35 -19.75
N LYS B 283 3.51 15.88 -19.51
CA LYS B 283 4.41 15.23 -18.58
C LYS B 283 4.63 15.94 -17.28
N ASP B 284 4.33 17.27 -17.20
CA ASP B 284 4.41 17.95 -15.89
C ASP B 284 3.29 18.93 -15.78
N MET B 285 2.80 19.25 -14.59
CA MET B 285 1.72 20.27 -14.34
C MET B 285 2.02 21.00 -13.03
N ILE B 286 1.61 22.24 -13.02
CA ILE B 286 1.62 23.12 -11.91
C ILE B 286 0.22 23.78 -11.80
N SER B 287 -0.37 23.85 -10.59
CA SER B 287 -1.59 24.59 -10.46
C SER B 287 -1.68 25.25 -9.05
N PHE B 288 -2.25 26.46 -9.07
CA PHE B 288 -2.46 27.24 -7.90
C PHE B 288 -3.69 28.07 -8.04
N TYR B 289 -4.46 28.20 -6.95
CA TYR B 289 -5.74 29.03 -6.99
C TYR B 289 -5.46 30.34 -6.24
N SER B 290 -6.29 31.39 -6.60
CA SER B 290 -6.19 32.73 -6.05
C SER B 290 -7.07 32.82 -4.90
N LEU B 291 -6.54 33.19 -3.71
CA LEU B 291 -7.39 33.45 -2.60
C LEU B 291 -6.83 34.65 -1.88
N PRO B 292 -7.34 35.86 -2.20
CA PRO B 292 -6.83 37.01 -1.43
C PRO B 292 -7.38 37.01 -0.01
N SER B 293 -6.58 37.63 0.85
CA SER B 293 -7.08 38.08 2.11
C SER B 293 -7.29 39.60 2.25
N GLN B 294 -8.44 40.01 2.81
CA GLN B 294 -8.60 41.37 3.21
C GLN B 294 -7.73 41.66 4.41
N ILE B 295 -6.96 42.78 4.32
CA ILE B 295 -6.12 43.26 5.40
C ILE B 295 -6.97 44.18 6.26
N LEU B 296 -6.99 43.85 7.55
CA LEU B 296 -7.89 44.57 8.49
C LEU B 296 -7.06 45.68 9.13
N GLY B 297 -7.48 46.91 8.97
CA GLY B 297 -6.94 48.08 9.73
C GLY B 297 -5.57 48.55 9.30
N ASN B 298 -5.19 48.30 8.07
CA ASN B 298 -3.93 48.85 7.58
C ASN B 298 -4.23 50.02 6.65
N ASP B 299 -3.70 51.19 6.95
CA ASP B 299 -3.95 52.33 6.06
C ASP B 299 -3.45 52.28 4.65
N LYS B 300 -2.31 51.68 4.44
CA LYS B 300 -1.74 51.60 3.11
C LYS B 300 -2.32 50.51 2.16
N TYR B 301 -2.64 49.32 2.66
CA TYR B 301 -2.94 48.25 1.72
C TYR B 301 -4.24 47.65 2.20
N SER B 302 -5.11 47.28 1.23
CA SER B 302 -6.39 46.60 1.56
C SER B 302 -6.42 45.08 1.40
N THR B 303 -5.52 44.60 0.55
CA THR B 303 -5.64 43.23 -0.06
C THR B 303 -4.25 42.60 -0.11
N LEU B 304 -4.09 41.43 0.52
CA LEU B 304 -3.00 40.56 0.23
C LEU B 304 -3.36 39.63 -0.90
N ASN B 305 -2.58 39.65 -1.96
CA ASN B 305 -2.80 38.68 -3.07
C ASN B 305 -2.01 37.39 -2.83
N ALA B 306 -2.72 36.27 -2.62
CA ALA B 306 -2.07 35.03 -2.32
C ALA B 306 -2.44 33.97 -3.30
N ALA B 307 -1.47 33.26 -3.79
CA ALA B 307 -1.60 32.04 -4.57
C ALA B 307 -1.43 30.84 -3.61
N TYR B 308 -2.32 29.92 -3.77
CA TYR B 308 -2.29 28.60 -2.98
C TYR B 308 -2.02 27.42 -3.83
N SER B 309 -0.91 26.67 -3.52
CA SER B 309 -0.57 25.44 -4.23
C SER B 309 -1.79 24.49 -4.28
N PHE B 310 -2.05 23.97 -5.45
CA PHE B 310 -3.15 23.08 -5.69
C PHE B 310 -2.67 21.66 -6.03
N TYR B 311 -2.50 21.31 -7.31
CA TYR B 311 -1.84 20.05 -7.63
C TYR B 311 -0.63 20.22 -8.53
N ASN B 312 0.48 19.56 -8.20
CA ASN B 312 1.74 19.76 -8.92
C ASN B 312 2.35 18.37 -9.17
N VAL B 313 2.73 18.11 -10.40
CA VAL B 313 3.28 16.77 -10.70
C VAL B 313 4.45 16.98 -11.66
N THR B 314 5.60 16.33 -11.43
CA THR B 314 6.69 16.42 -12.41
C THR B 314 7.17 15.00 -12.75
N THR B 315 7.39 14.77 -14.07
CA THR B 315 8.07 13.56 -14.49
C THR B 315 9.34 13.90 -15.28
N THR B 316 9.61 15.16 -15.63
CA THR B 316 10.80 15.52 -16.42
C THR B 316 11.77 16.38 -15.59
N ALA B 317 11.42 16.79 -14.40
CA ALA B 317 12.33 17.65 -13.59
C ALA B 317 12.37 17.17 -12.16
N THR B 318 13.07 17.83 -11.20
CA THR B 318 12.85 17.45 -9.81
C THR B 318 11.61 18.20 -9.22
N PHE B 319 11.06 17.67 -8.13
CA PHE B 319 9.91 18.30 -7.47
C PHE B 319 10.34 19.69 -7.01
N LYS B 320 11.54 19.83 -6.45
CA LYS B 320 12.04 21.16 -6.14
CA LYS B 320 12.06 21.17 -6.14
C LYS B 320 12.08 22.10 -7.37
N GLN B 321 12.63 21.64 -8.53
CA GLN B 321 12.60 22.48 -9.76
C GLN B 321 11.19 22.89 -10.17
N LEU B 322 10.27 21.94 -10.02
CA LEU B 322 8.87 22.19 -10.41
C LEU B 322 8.25 23.28 -9.55
N MET B 323 8.42 23.12 -8.27
CA MET B 323 7.79 24.07 -7.35
C MET B 323 8.50 25.41 -7.42
N GLN B 324 9.82 25.44 -7.77
CA GLN B 324 10.46 26.72 -8.00
C GLN B 324 9.80 27.46 -9.18
N ASP B 325 9.45 26.69 -10.18
CA ASP B 325 8.70 27.29 -11.29
C ASP B 325 7.32 27.74 -10.89
N ALA B 326 6.65 26.96 -10.06
CA ALA B 326 5.35 27.39 -9.44
C ALA B 326 5.42 28.73 -8.78
N ILE B 327 6.41 28.90 -7.92
CA ILE B 327 6.67 30.21 -7.31
C ILE B 327 6.87 31.32 -8.33
N LEU B 328 7.68 31.04 -9.41
CA LEU B 328 7.91 32.04 -10.41
C LEU B 328 6.62 32.37 -11.15
N LEU B 329 5.85 31.36 -11.53
CA LEU B 329 4.57 31.61 -12.23
C LEU B 329 3.64 32.46 -11.36
N ALA B 330 3.59 32.17 -10.04
CA ALA B 330 2.74 32.99 -9.12
C ALA B 330 3.30 34.44 -9.14
N LYS B 331 4.62 34.56 -9.07
CA LYS B 331 5.20 35.91 -9.11
C LYS B 331 4.82 36.65 -10.38
N ARG B 332 4.86 36.00 -11.53
CA ARG B 332 4.56 36.62 -12.79
C ARG B 332 3.08 37.00 -12.88
N ASN B 333 2.24 36.40 -12.03
CA ASN B 333 0.81 36.72 -12.01
C ASN B 333 0.47 37.63 -10.86
N ASN B 334 1.45 38.35 -10.36
CA ASN B 334 1.32 39.45 -9.38
C ASN B 334 0.82 39.00 -7.97
N PHE B 335 1.17 37.78 -7.57
CA PHE B 335 0.84 37.31 -6.22
C PHE B 335 1.90 37.80 -5.26
N ASP B 336 1.48 38.06 -4.04
CA ASP B 336 2.42 38.54 -3.02
C ASP B 336 3.16 37.49 -2.27
N VAL B 337 2.49 36.33 -2.20
CA VAL B 337 2.94 35.21 -1.36
C VAL B 337 2.45 33.93 -2.08
N PHE B 338 3.21 32.88 -1.94
CA PHE B 338 2.72 31.56 -2.45
C PHE B 338 2.68 30.63 -1.27
N ASN B 339 1.51 30.09 -1.03
CA ASN B 339 1.14 29.30 0.17
C ASN B 339 1.02 27.86 -0.24
N ALA B 340 1.51 26.97 0.63
CA ALA B 340 1.31 25.55 0.42
C ALA B 340 1.10 24.84 1.76
N LEU B 341 0.47 23.66 1.71
CA LEU B 341 0.36 22.76 2.86
C LEU B 341 1.39 21.63 2.80
N GLU B 342 1.75 21.05 3.94
CA GLU B 342 2.71 19.97 3.98
C GLU B 342 2.06 18.62 3.60
N VAL B 343 1.34 18.64 2.52
CA VAL B 343 0.72 17.43 1.98
C VAL B 343 1.45 16.95 0.74
N MET B 344 1.16 15.75 0.27
CA MET B 344 1.84 15.20 -0.91
C MET B 344 3.33 15.27 -0.66
N GLN B 345 4.08 15.68 -1.66
CA GLN B 345 5.55 15.75 -1.49
C GLN B 345 6.00 17.19 -1.11
N ASN B 346 5.12 18.09 -0.76
CA ASN B 346 5.48 19.46 -0.70
C ASN B 346 6.51 19.71 0.40
N LYS B 347 6.43 19.01 1.53
CA LYS B 347 7.25 19.48 2.70
CA LYS B 347 7.24 19.45 2.73
C LYS B 347 8.71 19.32 2.36
N SER B 348 9.01 18.31 1.56
CA SER B 348 10.45 18.08 1.10
C SER B 348 11.14 19.27 0.38
N VAL B 349 10.38 20.24 -0.11
CA VAL B 349 11.03 21.33 -0.84
C VAL B 349 10.93 22.65 -0.07
N PHE B 350 10.32 22.62 1.11
CA PHE B 350 10.04 23.90 1.83
C PHE B 350 11.28 24.59 2.31
N GLU B 351 12.26 23.83 2.84
CA GLU B 351 13.45 24.49 3.33
C GLU B 351 14.25 25.10 2.20
N ASP B 352 14.59 24.31 1.21
CA ASP B 352 15.39 24.78 0.11
C ASP B 352 14.79 25.91 -0.74
N LEU B 353 13.47 25.86 -0.85
CA LEU B 353 12.76 26.95 -1.53
C LEU B 353 12.31 28.14 -0.67
N LYS B 354 12.75 28.19 0.58
CA LYS B 354 12.62 29.35 1.49
C LYS B 354 11.20 29.62 1.89
N PHE B 355 10.42 28.56 1.97
CA PHE B 355 9.09 28.62 2.54
C PHE B 355 9.29 28.72 4.06
N GLY B 356 8.54 29.53 4.76
CA GLY B 356 8.56 29.64 6.25
C GLY B 356 7.33 28.95 6.83
N GLU B 357 7.50 28.26 7.95
CA GLU B 357 6.36 27.65 8.66
C GLU B 357 5.38 28.70 9.06
N GLY B 358 4.11 28.49 8.75
CA GLY B 358 3.11 29.41 9.21
C GLY B 358 2.66 29.18 10.66
N ASP B 359 1.63 29.89 11.06
CA ASP B 359 1.08 29.75 12.44
C ASP B 359 -0.23 29.02 12.55
N GLY B 360 -0.68 28.54 11.41
CA GLY B 360 -1.94 27.86 11.32
C GLY B 360 -1.79 26.54 10.62
N SER B 361 -2.61 25.56 11.02
CA SER B 361 -2.67 24.25 10.33
C SER B 361 -4.11 23.96 9.90
N LEU B 362 -4.18 23.14 8.86
CA LEU B 362 -5.40 22.69 8.24
C LEU B 362 -5.72 21.27 8.66
N LYS B 363 -6.79 21.01 9.43
CA LYS B 363 -7.29 19.67 9.75
C LYS B 363 -8.22 19.07 8.71
N TYR B 364 -8.07 17.80 8.44
CA TYR B 364 -8.80 17.07 7.42
C TYR B 364 -9.72 16.14 8.16
N TYR B 365 -11.03 16.15 7.77
CA TYR B 365 -12.01 15.40 8.47
C TYR B 365 -12.80 14.57 7.50
N LEU B 366 -13.33 13.46 8.01
CA LEU B 366 -14.40 12.65 7.38
C LEU B 366 -15.61 12.50 8.32
N TYR B 367 -16.82 12.50 7.72
CA TYR B 367 -18.02 12.34 8.43
C TYR B 367 -18.52 10.95 8.09
N ASN B 368 -18.92 10.19 9.16
CA ASN B 368 -19.37 8.84 9.02
C ASN B 368 -18.37 7.98 8.33
N TRP B 369 -17.17 8.03 8.87
CA TRP B 369 -16.07 7.18 8.37
C TRP B 369 -15.13 6.92 9.49
N LYS B 370 -14.85 5.62 9.71
CA LYS B 370 -13.83 5.20 10.66
C LYS B 370 -12.68 4.65 9.87
N CYS B 371 -11.48 5.13 10.23
CA CYS B 371 -10.16 4.73 9.58
C CYS B 371 -8.93 5.18 10.42
N ALA B 372 -7.80 4.59 10.15
CA ALA B 372 -6.58 5.14 10.81
C ALA B 372 -6.23 6.52 10.36
N SER B 373 -5.69 7.32 11.28
CA SER B 373 -5.22 8.64 10.96
C SER B 373 -3.82 8.50 10.36
N PHE B 374 -3.30 9.56 9.74
CA PHE B 374 -2.10 9.40 8.94
C PHE B 374 -1.43 10.76 8.80
N ALA B 375 -0.13 10.68 8.59
CA ALA B 375 0.78 11.87 8.39
C ALA B 375 0.31 12.58 7.10
N PRO B 376 0.47 13.89 7.06
CA PRO B 376 -0.14 14.64 5.97
C PRO B 376 0.64 14.42 4.66
N ALA B 377 1.91 13.90 4.62
CA ALA B 377 2.53 13.52 3.35
C ALA B 377 1.62 12.46 2.67
N HIS B 378 0.74 11.74 3.43
CA HIS B 378 -0.12 10.73 2.77
C HIS B 378 -1.42 11.34 2.28
N VAL B 379 -1.65 12.59 2.61
CA VAL B 379 -2.79 13.33 2.08
C VAL B 379 -2.55 13.75 0.65
N GLY B 380 -3.51 13.37 -0.24
CA GLY B 380 -3.43 13.76 -1.60
C GLY B 380 -4.61 14.56 -2.13
N ILE B 381 -5.17 15.46 -1.35
CA ILE B 381 -6.30 16.30 -1.75
C ILE B 381 -6.11 17.66 -1.07
N VAL B 382 -6.37 18.70 -1.89
CA VAL B 382 -6.35 20.11 -1.48
C VAL B 382 -7.80 20.60 -1.65
N LEU B 383 -8.46 21.03 -0.55
CA LEU B 383 -9.80 21.59 -0.65
CA LEU B 383 -9.83 21.60 -0.60
C LEU B 383 -9.67 23.13 -0.62
N LEU B 384 -10.60 23.82 -1.28
CA LEU B 384 -10.48 25.27 -1.54
C LEU B 384 -10.69 26.09 -0.27
N ASP C 1 11.80 -30.40 -15.80
CA ASP C 1 11.62 -29.52 -17.00
C ASP C 1 10.17 -29.49 -17.49
N TYR C 2 9.68 -28.27 -17.73
CA TYR C 2 8.36 -27.98 -18.28
C TYR C 2 8.61 -27.11 -19.48
N LYS C 3 9.03 -27.73 -20.56
CA LYS C 3 9.64 -26.98 -21.68
C LYS C 3 8.63 -26.04 -22.36
N PHE C 4 7.35 -26.46 -22.37
CA PHE C 4 6.36 -25.61 -22.93
C PHE C 4 5.93 -24.58 -21.90
N TRP C 5 5.57 -25.04 -20.68
CA TRP C 5 5.10 -24.08 -19.66
C TRP C 5 6.07 -22.96 -19.33
N TYR C 6 7.36 -23.28 -19.41
CA TYR C 6 8.51 -22.30 -19.17
CA TYR C 6 8.32 -22.25 -19.02
C TYR C 6 8.43 -21.11 -20.11
N THR C 7 7.82 -21.31 -21.29
CA THR C 7 7.69 -20.23 -22.29
C THR C 7 6.48 -19.36 -22.07
N GLN C 8 5.61 -19.72 -21.15
CA GLN C 8 4.34 -19.05 -20.93
C GLN C 8 4.38 -18.11 -19.75
N PRO C 9 3.43 -17.19 -19.70
CA PRO C 9 3.37 -16.24 -18.56
C PRO C 9 2.66 -16.86 -17.35
N VAL C 10 3.35 -17.79 -16.72
CA VAL C 10 2.91 -18.56 -15.51
C VAL C 10 4.13 -18.62 -14.63
N PRO C 11 3.94 -18.84 -13.33
CA PRO C 11 5.11 -18.91 -12.42
C PRO C 11 6.01 -20.06 -12.70
N LYS C 12 7.27 -19.95 -12.25
CA LYS C 12 8.23 -21.05 -12.41
C LYS C 12 7.87 -22.00 -11.27
N ILE C 13 8.24 -23.28 -11.28
CA ILE C 13 7.68 -24.25 -10.30
C ILE C 13 8.15 -24.02 -8.84
N ASN C 14 9.20 -23.23 -8.68
CA ASN C 14 9.67 -22.87 -7.32
C ASN C 14 9.27 -21.50 -6.83
N ASP C 15 8.57 -20.75 -7.69
CA ASP C 15 8.18 -19.36 -7.36
C ASP C 15 7.24 -19.24 -6.18
N GLU C 16 7.48 -18.27 -5.32
CA GLU C 16 6.47 -17.91 -4.31
C GLU C 16 6.31 -16.39 -4.28
N PHE C 17 5.14 -15.94 -3.86
CA PHE C 17 4.83 -14.52 -3.99
C PHE C 17 4.31 -13.99 -2.67
N ASN C 18 4.73 -12.78 -2.37
CA ASN C 18 4.21 -12.04 -1.21
C ASN C 18 2.71 -11.76 -1.39
N GLU C 19 2.01 -11.69 -0.24
CA GLU C 19 0.51 -11.46 -0.12
C GLU C 19 0.12 -10.29 -0.94
N SER C 20 0.96 -9.26 -0.90
CA SER C 20 0.65 -8.03 -1.60
C SER C 20 0.55 -8.18 -3.10
N VAL C 21 1.29 -9.14 -3.70
CA VAL C 21 1.45 -9.25 -5.15
C VAL C 21 0.22 -9.80 -5.79
N ASN C 22 -0.37 -9.08 -6.72
CA ASN C 22 -1.59 -9.55 -7.41
C ASN C 22 -1.72 -8.81 -8.72
N GLU C 23 -1.20 -9.36 -9.79
CA GLU C 23 -1.15 -8.58 -11.10
C GLU C 23 -0.75 -9.53 -12.18
N PRO C 24 -0.86 -9.07 -13.47
CA PRO C 24 -0.39 -9.91 -14.56
C PRO C 24 1.13 -10.13 -14.61
N PHE C 25 1.56 -11.22 -15.27
CA PHE C 25 2.97 -11.34 -15.57
C PHE C 25 3.26 -10.28 -16.62
N ILE C 26 2.35 -10.15 -17.59
CA ILE C 26 2.54 -9.31 -18.80
C ILE C 26 1.32 -8.40 -18.94
N SER C 27 1.55 -7.08 -18.89
CA SER C 27 0.52 -6.08 -19.01
C SER C 27 0.64 -5.38 -20.31
N ASP C 28 -0.33 -4.50 -20.49
CA ASP C 28 -0.46 -3.61 -21.67
CA ASP C 28 -0.32 -3.62 -21.66
C ASP C 28 -0.36 -4.38 -22.99
N ASN C 29 -1.12 -5.44 -23.00
CA ASN C 29 -1.35 -6.27 -24.17
C ASN C 29 -2.23 -5.55 -25.23
N LYS C 30 -2.09 -5.86 -26.53
CA LYS C 30 -2.77 -5.11 -27.57
C LYS C 30 -3.44 -6.11 -28.52
N VAL C 31 -4.75 -6.04 -28.65
CA VAL C 31 -5.49 -6.90 -29.63
C VAL C 31 -4.91 -6.84 -30.99
N GLU C 32 -4.61 -5.62 -31.44
CA GLU C 32 -4.03 -5.38 -32.76
CA GLU C 32 -4.09 -5.47 -32.81
C GLU C 32 -2.75 -6.22 -33.05
N ASP C 33 -1.99 -6.57 -32.01
CA ASP C 33 -0.75 -7.28 -32.22
CA ASP C 33 -0.70 -7.29 -32.08
C ASP C 33 -0.88 -8.81 -32.15
N VAL C 34 -2.08 -9.29 -31.78
CA VAL C 34 -2.31 -10.77 -31.62
C VAL C 34 -2.15 -11.46 -32.98
N ARG C 35 -1.56 -12.61 -33.03
CA ARG C 35 -1.49 -13.43 -34.23
C ARG C 35 -2.84 -13.65 -34.88
N LYS C 36 -3.00 -13.38 -36.17
CA LYS C 36 -4.22 -13.65 -36.85
C LYS C 36 -4.22 -14.99 -37.56
N ASP C 37 -3.06 -15.68 -37.48
CA ASP C 37 -2.96 -16.92 -38.16
C ASP C 37 -3.18 -18.09 -37.18
N GLU C 38 -3.97 -19.06 -37.57
CA GLU C 38 -4.16 -20.27 -36.71
C GLU C 38 -2.88 -21.01 -36.52
N TYR C 39 -2.55 -21.53 -35.34
CA TYR C 39 -1.40 -22.40 -35.15
C TYR C 39 -1.38 -23.55 -36.04
N LYS C 40 -0.17 -23.95 -36.43
CA LYS C 40 -0.04 -25.02 -37.39
C LYS C 40 -0.11 -26.40 -36.70
N LEU C 41 -0.83 -27.29 -37.38
CA LEU C 41 -1.10 -28.70 -37.03
C LEU C 41 -0.31 -29.62 -37.96
N PRO C 42 0.03 -30.83 -37.54
CA PRO C 42 0.70 -31.78 -38.38
C PRO C 42 -0.12 -32.09 -39.67
N PRO C 43 0.55 -32.63 -40.72
CA PRO C 43 -0.02 -32.89 -42.02
C PRO C 43 -1.23 -33.85 -41.85
N GLY C 44 -2.33 -33.43 -42.41
CA GLY C 44 -3.61 -34.15 -42.48
C GLY C 44 -4.51 -33.91 -41.28
N TYR C 45 -4.13 -33.02 -40.33
CA TYR C 45 -5.01 -32.57 -39.24
C TYR C 45 -5.56 -31.15 -39.52
N SER C 46 -6.78 -30.81 -39.09
CA SER C 46 -7.41 -29.52 -39.43
CA SER C 46 -7.30 -29.49 -39.40
C SER C 46 -8.10 -28.99 -38.23
N TRP C 47 -8.04 -27.70 -38.01
CA TRP C 47 -8.92 -27.08 -37.03
C TRP C 47 -10.40 -27.14 -37.50
N TYR C 48 -11.32 -27.25 -36.50
CA TYR C 48 -12.71 -27.46 -36.75
C TYR C 48 -13.49 -26.56 -35.85
N VAL C 49 -14.47 -25.87 -36.39
CA VAL C 49 -15.30 -24.97 -35.54
C VAL C 49 -16.40 -25.82 -34.99
N CYS C 50 -16.35 -26.22 -33.72
CA CYS C 50 -17.43 -27.08 -33.23
C CYS C 50 -18.57 -26.19 -32.83
N ASP C 51 -19.79 -26.50 -33.35
CA ASP C 51 -21.06 -25.85 -32.96
C ASP C 51 -21.76 -26.72 -31.95
N VAL C 52 -21.59 -26.37 -30.67
CA VAL C 52 -22.14 -27.21 -29.59
CA VAL C 52 -22.15 -27.13 -29.56
C VAL C 52 -23.68 -27.27 -29.56
N LYS C 53 -24.38 -26.27 -30.15
CA LYS C 53 -25.85 -26.33 -30.28
C LYS C 53 -26.32 -27.28 -31.40
N ASP C 54 -25.41 -27.68 -32.24
CA ASP C 54 -25.68 -28.63 -33.29
C ASP C 54 -25.54 -30.04 -32.76
N GLU C 55 -26.64 -30.76 -32.79
CA GLU C 55 -26.65 -32.10 -32.23
CA GLU C 55 -26.71 -32.12 -32.29
C GLU C 55 -25.53 -32.97 -32.80
N LYS C 56 -25.20 -32.84 -34.07
CA LYS C 56 -24.19 -33.76 -34.61
C LYS C 56 -22.73 -33.41 -34.08
N ASP C 57 -22.41 -32.12 -34.07
CA ASP C 57 -21.15 -31.65 -33.56
C ASP C 57 -21.03 -31.99 -32.10
N ARG C 58 -22.08 -31.83 -31.31
CA ARG C 58 -22.04 -32.09 -29.93
C ARG C 58 -21.75 -33.58 -29.74
N SER C 59 -22.34 -34.41 -30.58
CA SER C 59 -22.21 -35.83 -30.35
C SER C 59 -20.77 -36.27 -30.64
N GLU C 60 -20.12 -35.54 -31.54
CA GLU C 60 -18.77 -35.87 -31.89
C GLU C 60 -17.86 -35.47 -30.73
N ILE C 61 -18.10 -34.33 -30.10
CA ILE C 61 -17.34 -33.96 -28.90
C ILE C 61 -17.60 -35.00 -27.78
N TYR C 62 -18.88 -35.39 -27.58
CA TYR C 62 -19.25 -36.42 -26.63
C TYR C 62 -18.44 -37.73 -26.82
N THR C 63 -18.40 -38.23 -28.04
CA THR C 63 -17.71 -39.49 -28.24
C THR C 63 -16.22 -39.34 -28.03
N LEU C 64 -15.61 -38.22 -28.46
CA LEU C 64 -14.20 -37.97 -28.25
C LEU C 64 -13.92 -38.08 -26.78
N LEU C 65 -14.71 -37.43 -25.95
CA LEU C 65 -14.42 -37.38 -24.55
C LEU C 65 -14.69 -38.72 -23.78
N THR C 66 -15.75 -39.41 -24.27
CA THR C 66 -16.22 -40.64 -23.65
C THR C 66 -15.08 -41.66 -23.79
N ASP C 67 -14.40 -41.64 -24.93
CA ASP C 67 -13.35 -42.60 -25.20
C ASP C 67 -11.97 -42.14 -24.72
N ASN C 68 -11.72 -40.82 -24.51
CA ASN C 68 -10.33 -40.34 -24.43
C ASN C 68 -10.08 -39.38 -23.26
N TYR C 69 -11.09 -39.14 -22.44
CA TYR C 69 -10.91 -38.12 -21.42
C TYR C 69 -10.20 -38.66 -20.18
N VAL C 70 -10.34 -37.91 -19.09
CA VAL C 70 -9.59 -38.21 -17.86
C VAL C 70 -9.98 -39.57 -17.27
N GLU C 71 -8.94 -40.34 -16.90
CA GLU C 71 -9.07 -41.59 -16.15
C GLU C 71 -8.42 -41.43 -14.76
N ASP C 72 -8.81 -42.24 -13.78
CA ASP C 72 -8.12 -42.21 -12.51
C ASP C 72 -6.70 -42.77 -12.67
N ASP C 73 -5.89 -42.56 -11.62
CA ASP C 73 -4.49 -42.99 -11.62
C ASP C 73 -4.26 -44.46 -11.94
N ASP C 74 -5.23 -45.31 -11.60
CA ASP C 74 -5.16 -46.75 -11.88
C ASP C 74 -6.04 -47.25 -13.05
N ASN C 75 -6.53 -46.30 -13.85
CA ASN C 75 -7.16 -46.62 -15.12
C ASN C 75 -8.33 -47.55 -15.06
N ILE C 76 -9.21 -47.31 -14.08
CA ILE C 76 -10.42 -48.10 -13.88
C ILE C 76 -11.72 -47.33 -14.22
N PHE C 77 -11.65 -45.99 -14.14
CA PHE C 77 -12.84 -45.16 -14.37
C PHE C 77 -12.41 -44.04 -15.25
N ARG C 78 -13.24 -43.75 -16.25
CA ARG C 78 -13.02 -42.60 -17.14
C ARG C 78 -14.20 -41.63 -17.04
N PHE C 79 -13.94 -40.32 -16.90
CA PHE C 79 -15.10 -39.36 -16.90
C PHE C 79 -15.94 -39.50 -18.15
N ASN C 80 -17.27 -39.42 -17.99
CA ASN C 80 -18.17 -39.55 -19.07
C ASN C 80 -19.19 -38.40 -19.03
N TYR C 81 -18.80 -37.17 -19.27
CA TYR C 81 -19.73 -36.06 -19.41
C TYR C 81 -20.78 -36.38 -20.50
N SER C 82 -22.06 -36.19 -20.15
CA SER C 82 -23.08 -36.44 -21.24
C SER C 82 -23.12 -35.32 -22.26
N ALA C 83 -23.70 -35.60 -23.43
CA ALA C 83 -23.92 -34.61 -24.41
C ALA C 83 -24.64 -33.40 -23.82
N GLU C 84 -25.66 -33.68 -22.98
CA GLU C 84 -26.50 -32.61 -22.40
C GLU C 84 -25.71 -31.74 -21.41
N PHE C 85 -24.83 -32.36 -20.70
CA PHE C 85 -23.90 -31.66 -19.82
C PHE C 85 -23.01 -30.79 -20.62
N LEU C 86 -22.50 -31.29 -21.77
CA LEU C 86 -21.58 -30.42 -22.56
C LEU C 86 -22.28 -29.16 -23.13
N LEU C 87 -23.56 -29.31 -23.52
CA LEU C 87 -24.34 -28.21 -23.98
C LEU C 87 -24.44 -27.19 -22.90
N TRP C 88 -24.85 -27.60 -21.71
CA TRP C 88 -24.87 -26.67 -20.54
C TRP C 88 -23.53 -26.04 -20.19
N ALA C 89 -22.40 -26.81 -20.15
CA ALA C 89 -21.14 -26.26 -19.70
C ALA C 89 -20.57 -25.19 -20.67
N LEU C 90 -20.88 -25.36 -21.96
CA LEU C 90 -20.21 -24.62 -22.97
C LEU C 90 -21.08 -23.46 -23.51
N THR C 91 -22.36 -23.41 -23.19
CA THR C 91 -23.20 -22.28 -23.70
C THR C 91 -23.61 -21.27 -22.67
N SER C 92 -22.75 -21.01 -21.70
CA SER C 92 -23.07 -19.99 -20.69
C SER C 92 -23.20 -18.61 -21.30
N PRO C 93 -23.68 -17.63 -20.53
CA PRO C 93 -24.02 -16.36 -21.15
C PRO C 93 -22.84 -15.70 -21.83
N ASN C 94 -23.06 -15.19 -23.04
CA ASN C 94 -22.03 -14.49 -23.82
C ASN C 94 -20.93 -15.36 -24.28
N TYR C 95 -21.15 -16.66 -24.27
CA TYR C 95 -20.11 -17.60 -24.75
C TYR C 95 -19.72 -17.27 -26.16
N LEU C 96 -18.47 -17.61 -26.50
CA LEU C 96 -17.98 -17.43 -27.87
CA LEU C 96 -17.87 -17.37 -27.84
C LEU C 96 -17.80 -18.74 -28.54
N LYS C 97 -18.46 -18.89 -29.71
CA LYS C 97 -18.32 -20.12 -30.47
C LYS C 97 -16.85 -20.34 -30.98
N THR C 98 -16.11 -19.28 -31.21
CA THR C 98 -14.65 -19.32 -31.50
C THR C 98 -13.82 -20.07 -30.46
N TRP C 99 -14.32 -20.17 -29.23
CA TRP C 99 -13.56 -20.80 -28.13
C TRP C 99 -13.97 -22.26 -27.95
N HIS C 100 -14.67 -22.87 -28.89
CA HIS C 100 -15.08 -24.27 -28.87
C HIS C 100 -14.31 -24.88 -30.01
N ILE C 101 -13.11 -25.41 -29.73
CA ILE C 101 -12.15 -25.78 -30.80
C ILE C 101 -11.91 -27.24 -30.96
N GLY C 102 -12.26 -27.80 -32.13
CA GLY C 102 -11.97 -29.18 -32.43
C GLY C 102 -10.67 -29.26 -33.33
N VAL C 103 -10.09 -30.45 -33.32
CA VAL C 103 -9.11 -30.79 -34.35
C VAL C 103 -9.60 -32.08 -34.95
N LYS C 104 -9.67 -32.08 -36.27
CA LYS C 104 -10.03 -33.30 -37.04
C LYS C 104 -8.89 -34.02 -37.73
N TYR C 105 -8.95 -35.34 -37.88
CA TYR C 105 -8.11 -35.96 -38.87
C TYR C 105 -8.74 -36.01 -40.23
N ASP C 106 -8.16 -35.38 -41.23
CA ASP C 106 -8.79 -35.32 -42.54
C ASP C 106 -9.16 -36.66 -43.23
N ALA C 107 -8.40 -37.68 -42.93
CA ALA C 107 -8.53 -39.02 -43.52
C ALA C 107 -9.80 -39.64 -43.07
N SER C 108 -10.27 -39.26 -41.85
CA SER C 108 -11.44 -39.98 -41.24
C SER C 108 -12.56 -39.01 -40.99
N ASN C 109 -12.31 -37.72 -41.04
CA ASN C 109 -13.27 -36.69 -40.75
C ASN C 109 -13.82 -36.83 -39.33
N LYS C 110 -12.94 -37.28 -38.41
CA LYS C 110 -13.32 -37.48 -37.03
C LYS C 110 -12.44 -36.61 -36.11
N LEU C 111 -13.05 -36.19 -35.07
CA LEU C 111 -12.40 -35.36 -34.05
C LEU C 111 -11.36 -36.15 -33.29
N ILE C 112 -10.14 -35.62 -33.19
CA ILE C 112 -9.04 -36.29 -32.46
C ILE C 112 -8.59 -35.40 -31.32
N GLY C 113 -9.09 -34.16 -31.30
CA GLY C 113 -8.68 -33.19 -30.28
C GLY C 113 -9.78 -32.21 -30.04
N PHE C 114 -9.63 -31.56 -28.93
CA PHE C 114 -10.64 -30.60 -28.39
C PHE C 114 -10.09 -29.73 -27.30
N ILE C 115 -10.49 -28.49 -27.21
CA ILE C 115 -10.25 -27.61 -26.09
C ILE C 115 -11.32 -26.55 -26.08
N SER C 116 -11.73 -26.06 -24.91
CA SER C 116 -12.82 -25.07 -24.91
C SER C 116 -12.49 -24.02 -23.85
N ALA C 117 -13.24 -22.94 -23.89
CA ALA C 117 -13.17 -21.89 -22.90
C ALA C 117 -14.48 -21.16 -22.93
N ILE C 118 -14.87 -20.65 -21.75
CA ILE C 118 -15.99 -19.70 -21.62
C ILE C 118 -15.58 -18.48 -20.88
N PRO C 119 -16.20 -17.33 -21.14
CA PRO C 119 -15.87 -16.11 -20.42
C PRO C 119 -16.51 -16.06 -19.02
N THR C 120 -15.73 -15.56 -18.04
CA THR C 120 -16.34 -15.25 -16.75
CA THR C 120 -16.19 -15.47 -16.65
C THR C 120 -15.44 -14.30 -15.99
N ASP C 121 -16.07 -13.56 -15.08
CA ASP C 121 -15.32 -12.58 -14.26
C ASP C 121 -14.95 -13.32 -13.01
N ILE C 122 -13.64 -13.35 -12.78
CA ILE C 122 -13.03 -14.03 -11.67
C ILE C 122 -12.45 -12.95 -10.74
N CYS C 123 -12.84 -13.03 -9.48
CA CYS C 123 -12.16 -12.22 -8.48
C CYS C 123 -11.07 -12.98 -7.75
N ILE C 124 -9.82 -12.46 -7.88
CA ILE C 124 -8.63 -13.11 -7.34
C ILE C 124 -8.05 -12.05 -6.37
N HIS C 125 -7.93 -12.47 -5.10
CA HIS C 125 -7.43 -11.52 -4.06
C HIS C 125 -8.09 -10.11 -4.17
N LYS C 126 -9.45 -10.05 -4.25
CA LYS C 126 -10.23 -8.79 -4.34
C LYS C 126 -10.06 -7.93 -5.60
N ARG C 127 -9.35 -8.44 -6.60
CA ARG C 127 -9.37 -7.85 -7.90
C ARG C 127 -10.20 -8.70 -8.89
N THR C 128 -11.17 -8.05 -9.53
CA THR C 128 -12.06 -8.78 -10.53
C THR C 128 -11.56 -8.50 -11.93
N ILE C 129 -11.26 -9.64 -12.61
CA ILE C 129 -10.58 -9.69 -13.91
C ILE C 129 -11.49 -10.53 -14.86
N LYS C 130 -11.77 -10.03 -16.07
N LYS C 130 -11.72 -9.99 -16.06
CA LYS C 130 -12.42 -10.88 -17.07
CA LYS C 130 -12.33 -10.71 -17.17
C LYS C 130 -11.39 -11.92 -17.49
C LYS C 130 -11.40 -11.88 -17.58
N MET C 131 -11.83 -13.14 -17.37
CA MET C 131 -11.03 -14.33 -17.66
C MET C 131 -11.73 -15.26 -18.64
N ALA C 132 -10.91 -16.15 -19.23
CA ALA C 132 -11.40 -17.40 -19.84
C ALA C 132 -11.30 -18.52 -18.82
N GLU C 133 -12.34 -19.34 -18.73
CA GLU C 133 -12.26 -20.59 -17.98
C GLU C 133 -12.07 -21.71 -19.01
N VAL C 134 -10.94 -22.40 -18.97
CA VAL C 134 -10.62 -23.42 -19.97
C VAL C 134 -10.91 -24.79 -19.46
N ASN C 135 -11.51 -25.64 -20.27
CA ASN C 135 -11.83 -26.96 -19.88
C ASN C 135 -11.94 -27.89 -21.10
N PHE C 136 -12.03 -29.17 -20.80
CA PHE C 136 -12.20 -30.21 -21.80
C PHE C 136 -11.09 -30.39 -22.75
N LEU C 137 -9.90 -30.07 -22.31
CA LEU C 137 -8.73 -30.31 -23.15
C LEU C 137 -8.60 -31.81 -23.37
N CYS C 138 -8.56 -32.27 -24.62
CA CYS C 138 -8.46 -33.74 -24.85
C CYS C 138 -7.81 -34.06 -26.20
N VAL C 139 -6.83 -34.96 -26.17
CA VAL C 139 -6.20 -35.51 -27.35
C VAL C 139 -6.47 -36.98 -27.32
N HIS C 140 -6.82 -37.50 -28.50
CA HIS C 140 -7.12 -38.93 -28.62
C HIS C 140 -5.97 -39.76 -28.04
N LYS C 141 -6.30 -40.93 -27.47
CA LYS C 141 -5.30 -41.82 -26.91
C LYS C 141 -4.22 -42.24 -27.92
N THR C 142 -4.58 -42.42 -29.19
CA THR C 142 -3.59 -42.83 -30.20
C THR C 142 -2.59 -41.76 -30.57
N LEU C 143 -2.79 -40.52 -30.12
CA LEU C 143 -2.02 -39.41 -30.55
C LEU C 143 -1.34 -38.77 -29.38
N ARG C 144 -1.07 -39.51 -28.31
CA ARG C 144 -0.57 -38.89 -27.10
C ARG C 144 0.95 -38.65 -27.13
N SER C 145 1.44 -37.67 -26.36
CA SER C 145 2.88 -37.41 -26.33
C SER C 145 3.55 -36.99 -27.62
N LYS C 146 2.79 -36.36 -28.46
CA LYS C 146 3.26 -35.76 -29.72
C LYS C 146 3.21 -34.20 -29.69
N ARG C 147 3.15 -33.61 -28.52
CA ARG C 147 3.10 -32.13 -28.39
C ARG C 147 1.90 -31.46 -29.14
N LEU C 148 0.79 -32.17 -29.26
CA LEU C 148 -0.45 -31.56 -29.70
C LEU C 148 -1.11 -30.67 -28.67
N ALA C 149 -0.97 -31.02 -27.37
CA ALA C 149 -1.61 -30.18 -26.38
C ALA C 149 -1.13 -28.71 -26.43
N PRO C 150 0.21 -28.43 -26.43
CA PRO C 150 0.66 -27.03 -26.52
C PRO C 150 0.06 -26.27 -27.76
N VAL C 151 -0.16 -26.96 -28.88
CA VAL C 151 -0.81 -26.34 -30.06
C VAL C 151 -2.24 -25.92 -29.72
N LEU C 152 -3.03 -26.85 -29.15
CA LEU C 152 -4.41 -26.46 -28.69
C LEU C 152 -4.42 -25.27 -27.74
N ILE C 153 -3.52 -25.35 -26.78
CA ILE C 153 -3.41 -24.37 -25.73
C ILE C 153 -3.03 -23.00 -26.34
N LYS C 154 -2.04 -22.94 -27.26
CA LYS C 154 -1.66 -21.68 -27.89
C LYS C 154 -2.81 -21.20 -28.80
N GLU C 155 -3.42 -22.09 -29.54
CA GLU C 155 -4.48 -21.63 -30.44
C GLU C 155 -5.64 -21.01 -29.59
N ILE C 156 -6.10 -21.63 -28.49
CA ILE C 156 -7.14 -20.96 -27.72
C ILE C 156 -6.69 -19.70 -27.01
N THR C 157 -5.45 -19.68 -26.50
CA THR C 157 -4.89 -18.44 -26.00
C THR C 157 -5.09 -17.35 -27.08
N ARG C 158 -4.66 -17.57 -28.32
CA ARG C 158 -4.86 -16.67 -29.35
C ARG C 158 -6.27 -16.14 -29.57
N ARG C 159 -7.22 -17.04 -29.54
CA ARG C 159 -8.60 -16.66 -29.76
C ARG C 159 -9.22 -15.85 -28.65
N ILE C 160 -8.76 -16.17 -27.44
CA ILE C 160 -9.21 -15.49 -26.24
C ILE C 160 -8.57 -14.08 -26.25
N ASN C 161 -7.26 -13.96 -26.65
CA ASN C 161 -6.56 -12.65 -26.72
C ASN C 161 -7.27 -11.71 -27.75
N LEU C 162 -7.90 -12.29 -28.77
CA LEU C 162 -8.62 -11.50 -29.76
C LEU C 162 -9.92 -10.82 -29.20
N GLU C 163 -10.44 -11.29 -28.01
CA GLU C 163 -11.42 -10.67 -27.26
C GLU C 163 -10.89 -9.76 -26.14
N ASN C 164 -9.61 -9.44 -26.19
CA ASN C 164 -9.00 -8.52 -25.23
C ASN C 164 -9.02 -9.11 -23.87
N ILE C 165 -8.87 -10.42 -23.73
CA ILE C 165 -8.85 -11.12 -22.39
C ILE C 165 -7.49 -11.77 -22.37
N TRP C 166 -6.84 -11.66 -21.22
CA TRP C 166 -5.42 -11.97 -21.15
C TRP C 166 -5.08 -12.87 -19.98
N GLN C 167 -6.12 -13.22 -19.23
CA GLN C 167 -6.01 -14.13 -18.07
C GLN C 167 -6.89 -15.32 -18.28
N ALA C 168 -6.55 -16.46 -17.72
CA ALA C 168 -7.48 -17.63 -17.70
C ALA C 168 -7.42 -18.34 -16.36
N ILE C 169 -8.44 -19.16 -16.09
CA ILE C 169 -8.42 -20.05 -14.95
C ILE C 169 -8.61 -21.44 -15.46
N TYR C 170 -7.98 -22.44 -14.84
CA TYR C 170 -8.13 -23.90 -15.24
C TYR C 170 -7.74 -24.73 -14.05
N THR C 171 -8.20 -25.95 -14.05
CA THR C 171 -7.87 -26.94 -13.04
C THR C 171 -7.34 -28.19 -13.72
N ALA C 172 -6.57 -28.98 -12.97
CA ALA C 172 -6.08 -30.27 -13.47
C ALA C 172 -5.70 -31.14 -12.31
N GLY C 173 -5.74 -32.45 -12.51
CA GLY C 173 -5.12 -33.41 -11.53
C GLY C 173 -3.62 -33.37 -11.53
N VAL C 174 -3.04 -33.02 -12.65
CA VAL C 174 -1.60 -33.01 -12.81
C VAL C 174 -0.95 -31.75 -12.26
N TYR C 175 0.26 -31.90 -11.74
CA TYR C 175 1.00 -30.85 -11.12
C TYR C 175 1.80 -30.18 -12.21
N LEU C 176 1.51 -28.88 -12.39
CA LEU C 176 2.05 -27.99 -13.41
C LEU C 176 2.56 -26.72 -12.74
N PRO C 177 3.34 -25.83 -13.48
CA PRO C 177 3.75 -24.51 -12.95
C PRO C 177 2.56 -23.57 -13.02
N LYS C 178 2.08 -23.03 -11.88
CA LYS C 178 2.22 -23.62 -10.52
C LYS C 178 0.86 -23.37 -9.89
N PRO C 179 0.35 -24.30 -9.07
CA PRO C 179 -0.98 -24.11 -8.50
C PRO C 179 -1.12 -22.82 -7.72
N VAL C 180 -2.26 -22.19 -7.78
CA VAL C 180 -2.55 -21.14 -6.74
C VAL C 180 -3.22 -21.82 -5.57
N SER C 181 -3.77 -22.98 -5.76
CA SER C 181 -4.33 -23.70 -4.63
C SER C 181 -4.46 -25.16 -5.02
N ASP C 182 -4.53 -26.07 -4.07
CA ASP C 182 -4.63 -27.47 -4.35
C ASP C 182 -5.70 -27.98 -3.39
N ALA C 183 -6.66 -28.72 -3.94
CA ALA C 183 -7.72 -29.27 -3.11
C ALA C 183 -7.87 -30.76 -3.25
N ARG C 184 -7.71 -31.52 -2.17
CA ARG C 184 -8.00 -32.90 -2.18
C ARG C 184 -9.46 -33.22 -2.49
N TYR C 185 -9.69 -34.30 -3.20
N TYR C 185 -9.65 -34.32 -3.21
CA TYR C 185 -11.03 -34.87 -3.36
CA TYR C 185 -10.92 -35.04 -3.42
C TYR C 185 -11.44 -35.80 -2.20
C TYR C 185 -11.43 -35.84 -2.18
N TYR C 186 -12.71 -35.68 -1.81
CA TYR C 186 -13.35 -36.52 -0.78
C TYR C 186 -14.63 -37.15 -1.36
N HIS C 187 -15.02 -38.30 -0.87
CA HIS C 187 -16.12 -39.07 -1.43
C HIS C 187 -16.95 -39.60 -0.31
N ARG C 188 -18.25 -39.43 -0.42
CA ARG C 188 -19.16 -40.08 0.52
CA ARG C 188 -19.20 -40.05 0.51
C ARG C 188 -19.93 -41.13 -0.25
N SER C 189 -19.72 -42.43 0.09
CA SER C 189 -20.42 -43.54 -0.54
C SER C 189 -21.89 -43.57 -0.28
N ILE C 190 -22.65 -43.83 -1.34
CA ILE C 190 -24.08 -44.00 -1.23
C ILE C 190 -24.48 -45.43 -1.53
N ASN C 191 -24.21 -45.92 -2.76
CA ASN C 191 -24.48 -47.32 -3.09
C ASN C 191 -23.20 -48.10 -2.70
N VAL C 192 -23.00 -48.34 -1.40
CA VAL C 192 -21.81 -49.01 -0.88
C VAL C 192 -21.39 -50.31 -1.62
N LYS C 193 -22.35 -51.22 -1.82
CA LYS C 193 -22.12 -52.54 -2.40
C LYS C 193 -21.46 -52.35 -3.78
N LYS C 194 -21.87 -51.31 -4.47
CA LYS C 194 -21.44 -51.21 -5.88
C LYS C 194 -20.05 -50.55 -5.87
N LEU C 195 -19.84 -49.58 -4.98
CA LEU C 195 -18.55 -48.94 -4.91
C LEU C 195 -17.46 -49.93 -4.46
N ILE C 196 -17.82 -50.83 -3.55
CA ILE C 196 -16.87 -51.89 -3.12
C ILE C 196 -16.62 -52.84 -4.30
N GLU C 197 -17.69 -53.28 -5.00
CA GLU C 197 -17.57 -54.24 -6.10
C GLU C 197 -16.60 -53.70 -7.20
N ILE C 198 -16.84 -52.48 -7.66
CA ILE C 198 -16.05 -51.94 -8.78
C ILE C 198 -14.71 -51.34 -8.35
N GLY C 199 -14.36 -51.35 -7.08
CA GLY C 199 -13.03 -50.84 -6.73
C GLY C 199 -12.74 -49.34 -6.52
N PHE C 200 -13.78 -48.60 -6.21
CA PHE C 200 -13.73 -47.19 -5.88
C PHE C 200 -13.32 -47.07 -4.42
N LEU C 215 -24.33 -49.08 8.47
CA LEU C 215 -23.01 -48.84 7.94
C LEU C 215 -23.05 -47.59 7.03
N TYR C 216 -23.35 -46.42 7.63
CA TYR C 216 -23.58 -45.25 6.87
C TYR C 216 -24.73 -45.57 5.90
N ARG C 217 -25.81 -46.12 6.52
CA ARG C 217 -26.94 -45.74 5.80
CA ARG C 217 -27.17 -45.91 6.02
C ARG C 217 -27.93 -44.50 6.49
N VAL C 218 -28.78 -44.20 5.55
CA VAL C 218 -29.30 -42.81 5.64
C VAL C 218 -30.80 -42.61 5.94
N GLU C 219 -31.08 -41.65 6.84
CA GLU C 219 -32.46 -41.36 7.12
C GLU C 219 -33.10 -40.52 5.98
N ASP C 220 -34.20 -40.93 5.39
CA ASP C 220 -34.79 -40.26 4.23
C ASP C 220 -35.67 -39.10 4.69
N THR C 221 -35.15 -38.28 5.57
CA THR C 221 -35.86 -37.06 5.96
C THR C 221 -34.85 -35.93 5.96
N LEU C 222 -35.22 -34.80 5.35
CA LEU C 222 -34.36 -33.65 5.36
C LEU C 222 -34.29 -32.95 6.65
N ASN C 223 -33.14 -32.46 6.98
CA ASN C 223 -33.01 -31.52 8.04
C ASN C 223 -33.68 -30.12 7.76
N ILE C 224 -33.65 -29.64 6.52
CA ILE C 224 -34.25 -28.37 6.12
C ILE C 224 -35.49 -28.84 5.33
N LYS C 225 -36.65 -28.94 6.00
CA LYS C 225 -37.79 -29.65 5.40
C LYS C 225 -38.24 -29.11 4.04
N ASN C 226 -38.18 -27.82 3.87
CA ASN C 226 -38.73 -27.20 2.70
C ASN C 226 -37.77 -27.09 1.50
N MET C 227 -36.53 -27.62 1.62
CA MET C 227 -35.54 -27.64 0.55
CA MET C 227 -35.57 -27.57 0.51
C MET C 227 -36.21 -28.21 -0.69
N ARG C 228 -36.21 -27.48 -1.79
CA ARG C 228 -36.98 -27.89 -3.03
C ARG C 228 -36.26 -27.47 -4.31
N LEU C 229 -36.52 -28.15 -5.45
CA LEU C 229 -35.91 -27.68 -6.69
C LEU C 229 -36.07 -26.20 -6.93
N MET C 230 -35.01 -25.59 -7.40
CA MET C 230 -34.94 -24.11 -7.72
C MET C 230 -35.84 -23.86 -8.91
N LYS C 231 -36.57 -22.74 -8.85
CA LYS C 231 -37.39 -22.31 -9.97
C LYS C 231 -36.97 -20.96 -10.45
N LYS C 232 -37.51 -20.61 -11.59
CA LYS C 232 -37.09 -19.32 -12.12
C LYS C 232 -37.30 -18.10 -11.21
N LYS C 233 -38.37 -18.09 -10.42
CA LYS C 233 -38.66 -16.99 -9.54
C LYS C 233 -37.58 -16.82 -8.45
N ASP C 234 -36.75 -17.86 -8.27
CA ASP C 234 -35.74 -17.93 -7.21
C ASP C 234 -34.42 -17.31 -7.64
N VAL C 235 -34.27 -17.04 -8.95
CA VAL C 235 -33.02 -16.50 -9.45
C VAL C 235 -32.45 -15.31 -8.63
N GLU C 236 -33.25 -14.27 -8.45
CA GLU C 236 -32.74 -13.09 -7.75
C GLU C 236 -32.29 -13.45 -6.34
N GLY C 237 -33.10 -14.28 -5.65
CA GLY C 237 -32.78 -14.80 -4.33
C GLY C 237 -31.43 -15.54 -4.26
N VAL C 238 -31.29 -16.49 -5.13
CA VAL C 238 -29.99 -17.20 -5.24
C VAL C 238 -28.81 -16.24 -5.56
N HIS C 239 -29.04 -15.27 -6.45
CA HIS C 239 -27.96 -14.37 -6.84
C HIS C 239 -27.53 -13.55 -5.61
N LYS C 240 -28.49 -13.13 -4.79
CA LYS C 240 -28.10 -12.38 -3.60
C LYS C 240 -27.46 -13.25 -2.55
N LEU C 241 -28.00 -14.45 -2.36
CA LEU C 241 -27.49 -15.34 -1.32
C LEU C 241 -26.06 -15.78 -1.73
N LEU C 242 -25.92 -16.30 -2.95
CA LEU C 242 -24.59 -16.83 -3.28
C LEU C 242 -23.58 -15.72 -3.51
N GLY C 243 -24.05 -14.59 -4.07
CA GLY C 243 -23.14 -13.51 -4.42
C GLY C 243 -22.50 -12.95 -3.15
N SER C 244 -23.32 -12.72 -2.13
CA SER C 244 -22.77 -12.32 -0.79
C SER C 244 -21.84 -13.36 -0.17
N TYR C 245 -22.24 -14.64 -0.21
CA TYR C 245 -21.47 -15.71 0.38
C TYR C 245 -20.09 -15.76 -0.26
N LEU C 246 -20.02 -15.62 -1.56
CA LEU C 246 -18.70 -15.83 -2.27
C LEU C 246 -17.59 -14.77 -1.94
N GLU C 247 -18.04 -13.55 -1.52
CA GLU C 247 -17.16 -12.41 -1.40
C GLU C 247 -16.10 -12.59 -0.35
N GLN C 248 -16.34 -13.49 0.58
CA GLN C 248 -15.35 -13.93 1.57
C GLN C 248 -14.07 -14.68 1.01
N PHE C 249 -14.17 -15.31 -0.14
CA PHE C 249 -13.13 -16.15 -0.61
C PHE C 249 -12.07 -15.36 -1.43
N ASN C 250 -10.86 -15.94 -1.51
CA ASN C 250 -9.77 -15.39 -2.22
C ASN C 250 -9.88 -15.63 -3.73
N LEU C 251 -10.81 -16.49 -4.17
CA LEU C 251 -10.86 -16.87 -5.58
C LEU C 251 -12.27 -17.34 -5.84
N TYR C 252 -13.02 -16.56 -6.61
CA TYR C 252 -14.42 -16.86 -6.91
C TYR C 252 -14.89 -16.18 -8.19
N ALA C 253 -15.88 -16.79 -8.88
CA ALA C 253 -16.52 -16.11 -9.99
C ALA C 253 -17.55 -15.10 -9.47
N VAL C 254 -17.56 -13.91 -10.08
CA VAL C 254 -18.61 -12.86 -9.81
C VAL C 254 -19.77 -13.13 -10.77
N PHE C 255 -20.87 -13.69 -10.27
CA PHE C 255 -21.92 -14.14 -11.22
C PHE C 255 -22.94 -13.02 -11.44
N THR C 256 -23.38 -12.78 -12.68
CA THR C 256 -24.46 -11.89 -12.94
C THR C 256 -25.74 -12.67 -12.70
N LYS C 257 -26.94 -12.06 -12.74
N LYS C 257 -26.87 -11.98 -12.77
CA LYS C 257 -28.19 -12.82 -12.54
CA LYS C 257 -28.14 -12.60 -12.67
C LYS C 257 -28.48 -13.86 -13.65
C LYS C 257 -28.30 -13.68 -13.74
N GLU C 258 -28.15 -13.53 -14.90
N GLU C 258 -27.84 -13.28 -14.92
CA GLU C 258 -28.24 -14.43 -16.04
CA GLU C 258 -27.93 -14.05 -16.14
C GLU C 258 -27.26 -15.60 -15.84
C GLU C 258 -27.21 -15.39 -15.96
N GLU C 259 -26.10 -15.30 -15.26
CA GLU C 259 -25.19 -16.42 -14.95
C GLU C 259 -25.76 -17.33 -13.88
N ILE C 260 -26.41 -16.71 -12.93
CA ILE C 260 -27.07 -17.54 -11.91
C ILE C 260 -28.13 -18.41 -12.52
N ALA C 261 -28.92 -17.83 -13.42
CA ALA C 261 -29.96 -18.57 -14.07
C ALA C 261 -29.40 -19.75 -14.85
N HIS C 262 -28.34 -19.43 -15.60
CA HIS C 262 -27.70 -20.55 -16.37
C HIS C 262 -27.02 -21.63 -15.52
N TRP C 263 -26.26 -21.29 -14.49
CA TRP C 263 -25.50 -22.31 -13.79
C TRP C 263 -26.29 -23.07 -12.77
N PHE C 264 -27.49 -22.57 -12.33
CA PHE C 264 -28.28 -23.16 -11.27
C PHE C 264 -29.65 -23.64 -11.58
N LEU C 265 -30.39 -23.06 -12.52
CA LEU C 265 -31.67 -23.67 -12.79
C LEU C 265 -31.55 -25.14 -13.20
N PRO C 266 -32.40 -26.00 -12.62
CA PRO C 266 -32.11 -27.41 -12.76
C PRO C 266 -32.31 -27.91 -14.14
N ILE C 267 -31.52 -28.91 -14.47
CA ILE C 267 -31.59 -29.71 -15.74
C ILE C 267 -31.36 -31.12 -15.29
N GLU C 268 -32.33 -32.01 -15.46
CA GLU C 268 -32.20 -33.41 -15.08
C GLU C 268 -30.92 -34.05 -15.61
N ASN C 269 -30.20 -34.75 -14.70
CA ASN C 269 -28.98 -35.47 -15.04
C ASN C 269 -27.88 -34.56 -15.48
N VAL C 270 -27.92 -33.27 -15.14
CA VAL C 270 -26.84 -32.34 -15.38
C VAL C 270 -26.56 -31.47 -14.11
N ILE C 271 -27.54 -30.66 -13.77
CA ILE C 271 -27.38 -29.72 -12.64
C ILE C 271 -28.64 -29.79 -11.71
N TYR C 272 -28.37 -29.92 -10.39
CA TYR C 272 -29.47 -29.97 -9.42
C TYR C 272 -29.28 -28.84 -8.44
N THR C 273 -30.29 -28.00 -8.24
CA THR C 273 -30.13 -26.88 -7.28
C THR C 273 -31.41 -26.90 -6.46
N TYR C 274 -31.27 -26.85 -5.16
CA TYR C 274 -32.36 -26.88 -4.23
C TYR C 274 -32.24 -25.65 -3.36
N VAL C 275 -33.38 -25.10 -2.99
CA VAL C 275 -33.40 -23.92 -2.15
C VAL C 275 -34.41 -24.06 -0.97
N ASN C 276 -34.12 -23.29 0.03
CA ASN C 276 -35.06 -23.11 1.16
C ASN C 276 -35.61 -21.65 1.14
N GLU C 277 -36.90 -21.45 0.82
N GLU C 277 -36.88 -21.42 0.85
CA GLU C 277 -37.53 -20.14 0.80
CA GLU C 277 -37.31 -20.07 0.93
C GLU C 277 -38.26 -19.99 2.13
C GLU C 277 -38.34 -19.85 2.01
N GLU C 278 -37.94 -18.94 2.91
CA GLU C 278 -38.70 -18.57 4.10
C GLU C 278 -39.04 -17.11 3.93
N ASN C 279 -40.34 -16.75 3.93
CA ASN C 279 -40.74 -15.35 3.88
C ASN C 279 -40.33 -14.61 2.63
N GLY C 280 -40.55 -15.21 1.46
CA GLY C 280 -40.17 -14.60 0.20
C GLY C 280 -38.68 -14.52 -0.12
N LYS C 281 -37.80 -14.87 0.84
CA LYS C 281 -36.32 -14.79 0.72
C LYS C 281 -35.73 -16.19 0.60
N ILE C 282 -34.73 -16.36 -0.29
CA ILE C 282 -34.04 -17.61 -0.35
C ILE C 282 -32.95 -17.57 0.76
N LYS C 283 -33.06 -18.48 1.73
CA LYS C 283 -32.09 -18.57 2.84
C LYS C 283 -30.96 -19.63 2.83
N ASP C 284 -31.18 -20.64 2.02
CA ASP C 284 -30.28 -21.77 2.00
C ASP C 284 -30.35 -22.36 0.58
N MET C 285 -29.19 -22.89 0.11
CA MET C 285 -29.24 -23.57 -1.16
C MET C 285 -28.17 -24.64 -1.15
N ILE C 286 -28.51 -25.68 -1.92
CA ILE C 286 -27.70 -26.85 -2.20
C ILE C 286 -27.60 -27.00 -3.74
N SER C 287 -26.43 -27.29 -4.20
CA SER C 287 -26.29 -27.67 -5.64
C SER C 287 -25.20 -28.70 -5.85
N PHE C 288 -25.47 -29.58 -6.86
CA PHE C 288 -24.49 -30.56 -7.27
C PHE C 288 -24.78 -30.89 -8.74
N TYR C 289 -23.73 -31.22 -9.46
CA TYR C 289 -23.85 -31.58 -10.88
C TYR C 289 -23.64 -33.05 -11.05
N SER C 290 -24.08 -33.58 -12.18
CA SER C 290 -24.01 -35.00 -12.49
C SER C 290 -22.91 -35.24 -13.51
N LEU C 291 -21.98 -36.10 -13.08
CA LEU C 291 -20.89 -36.50 -13.93
C LEU C 291 -20.54 -37.96 -13.76
N PRO C 292 -21.08 -38.80 -14.65
CA PRO C 292 -20.81 -40.24 -14.60
C PRO C 292 -19.39 -40.53 -15.02
N SER C 293 -18.92 -41.70 -14.60
CA SER C 293 -17.65 -42.27 -15.11
C SER C 293 -17.98 -43.60 -15.70
N GLN C 294 -17.48 -43.86 -16.90
CA GLN C 294 -17.48 -45.18 -17.42
C GLN C 294 -16.57 -46.09 -16.54
N ILE C 295 -17.08 -47.30 -16.28
CA ILE C 295 -16.31 -48.33 -15.55
C ILE C 295 -15.56 -49.16 -16.59
N LEU C 296 -14.27 -49.27 -16.39
CA LEU C 296 -13.44 -49.90 -17.43
C LEU C 296 -13.02 -51.32 -16.98
N GLY C 297 -13.33 -52.29 -17.84
CA GLY C 297 -12.98 -53.71 -17.58
C GLY C 297 -13.76 -54.43 -16.50
N ASN C 298 -14.93 -53.88 -16.14
CA ASN C 298 -15.83 -54.51 -15.17
C ASN C 298 -17.04 -54.96 -15.95
N ASP C 299 -17.12 -56.26 -16.19
CA ASP C 299 -18.13 -56.79 -17.10
C ASP C 299 -19.55 -56.91 -16.49
N LYS C 300 -19.68 -56.56 -15.19
CA LYS C 300 -20.97 -56.46 -14.44
C LYS C 300 -21.55 -55.01 -14.29
N TYR C 301 -20.69 -54.06 -13.93
CA TYR C 301 -21.09 -52.62 -13.96
C TYR C 301 -20.35 -51.83 -15.02
N SER C 302 -21.12 -51.00 -15.73
CA SER C 302 -20.48 -50.15 -16.71
C SER C 302 -20.46 -48.61 -16.44
N THR C 303 -21.45 -48.06 -15.70
CA THR C 303 -21.46 -46.59 -15.30
C THR C 303 -21.42 -46.41 -13.76
N LEU C 304 -20.56 -45.54 -13.30
CA LEU C 304 -20.69 -45.05 -11.96
C LEU C 304 -21.46 -43.70 -11.99
N ASN C 305 -22.58 -43.61 -11.30
CA ASN C 305 -23.31 -42.34 -11.30
C ASN C 305 -22.95 -41.49 -10.13
N ALA C 306 -22.39 -40.33 -10.39
CA ALA C 306 -21.71 -39.58 -9.28
C ALA C 306 -22.26 -38.14 -9.32
N ALA C 307 -22.61 -37.62 -8.15
CA ALA C 307 -22.92 -36.23 -8.02
C ALA C 307 -21.73 -35.59 -7.38
N TYR C 308 -21.46 -34.39 -7.88
CA TYR C 308 -20.34 -33.57 -7.42
C TYR C 308 -20.85 -32.29 -6.75
N SER C 309 -20.48 -32.00 -5.51
CA SER C 309 -20.89 -30.80 -4.81
C SER C 309 -20.48 -29.58 -5.66
N PHE C 310 -21.39 -28.57 -5.70
CA PHE C 310 -21.13 -27.34 -6.56
C PHE C 310 -21.04 -26.15 -5.58
N TYR C 311 -22.13 -25.48 -5.34
CA TYR C 311 -22.22 -24.35 -4.36
C TYR C 311 -23.35 -24.61 -3.29
N ASN C 312 -23.00 -24.63 -2.04
CA ASN C 312 -23.89 -24.82 -0.93
C ASN C 312 -23.73 -23.69 0.05
N VAL C 313 -24.86 -23.06 0.49
CA VAL C 313 -24.90 -21.92 1.45
C VAL C 313 -26.04 -22.17 2.43
N THR C 314 -25.78 -21.97 3.72
CA THR C 314 -26.86 -22.13 4.70
C THR C 314 -26.78 -20.94 5.60
N THR C 315 -27.96 -20.31 5.77
CA THR C 315 -28.14 -19.22 6.80
C THR C 315 -29.13 -19.59 7.94
N THR C 316 -29.85 -20.70 7.87
CA THR C 316 -30.85 -21.06 8.83
C THR C 316 -30.46 -22.39 9.46
N ALA C 317 -29.36 -23.02 9.02
CA ALA C 317 -28.93 -24.31 9.59
C ALA C 317 -27.39 -24.44 9.78
N THR C 318 -26.91 -25.59 10.23
CA THR C 318 -25.43 -25.74 10.28
C THR C 318 -24.95 -26.23 8.92
N PHE C 319 -23.69 -25.95 8.58
CA PHE C 319 -23.17 -26.44 7.30
C PHE C 319 -23.22 -27.97 7.24
N LYS C 320 -22.98 -28.62 8.42
CA LYS C 320 -23.16 -30.06 8.58
C LYS C 320 -24.57 -30.54 8.14
N GLN C 321 -25.60 -29.84 8.67
CA GLN C 321 -26.99 -30.24 8.37
C GLN C 321 -27.33 -30.06 6.91
N LEU C 322 -26.81 -28.97 6.41
CA LEU C 322 -27.01 -28.64 4.98
C LEU C 322 -26.35 -29.69 4.09
N MET C 323 -25.06 -30.03 4.34
CA MET C 323 -24.43 -31.09 3.53
C MET C 323 -25.06 -32.46 3.72
N GLN C 324 -25.64 -32.72 4.92
CA GLN C 324 -26.34 -33.97 5.11
C GLN C 324 -27.55 -34.06 4.20
N ASP C 325 -28.20 -32.91 4.04
CA ASP C 325 -29.32 -32.83 3.09
C ASP C 325 -28.88 -32.97 1.65
N ALA C 326 -27.69 -32.40 1.36
CA ALA C 326 -27.18 -32.61 -0.01
C ALA C 326 -26.95 -34.06 -0.38
N ILE C 327 -26.31 -34.77 0.57
CA ILE C 327 -26.20 -36.28 0.48
C ILE C 327 -27.50 -36.99 0.21
N LEU C 328 -28.52 -36.65 1.06
CA LEU C 328 -29.82 -37.26 0.94
C LEU C 328 -30.41 -36.96 -0.46
N LEU C 329 -30.32 -35.70 -0.93
CA LEU C 329 -30.90 -35.27 -2.19
C LEU C 329 -30.18 -36.00 -3.37
N ALA C 330 -28.87 -36.23 -3.24
CA ALA C 330 -28.12 -37.09 -4.25
C ALA C 330 -28.64 -38.56 -4.16
N LYS C 331 -28.86 -39.06 -2.94
CA LYS C 331 -29.37 -40.46 -2.82
C LYS C 331 -30.72 -40.58 -3.45
N ARG C 332 -31.58 -39.59 -3.23
CA ARG C 332 -32.94 -39.57 -3.74
C ARG C 332 -32.97 -39.52 -5.26
N ASN C 333 -31.93 -38.99 -5.86
CA ASN C 333 -31.77 -38.80 -7.29
C ASN C 333 -30.90 -39.87 -7.92
N ASN C 334 -30.71 -40.97 -7.23
CA ASN C 334 -30.15 -42.16 -7.80
C ASN C 334 -28.62 -42.17 -7.92
N PHE C 335 -27.92 -41.27 -7.22
CA PHE C 335 -26.49 -41.28 -7.31
C PHE C 335 -25.85 -42.35 -6.47
N ASP C 336 -24.70 -42.84 -6.92
CA ASP C 336 -23.91 -43.88 -6.22
C ASP C 336 -22.94 -43.32 -5.20
N VAL C 337 -22.48 -42.09 -5.41
CA VAL C 337 -21.43 -41.46 -4.59
C VAL C 337 -21.69 -39.97 -4.71
N PHE C 338 -21.18 -39.23 -3.71
CA PHE C 338 -21.36 -37.81 -3.69
C PHE C 338 -19.95 -37.37 -3.40
N ASN C 339 -19.39 -36.57 -4.35
CA ASN C 339 -18.07 -36.16 -4.35
C ASN C 339 -17.92 -34.68 -3.96
N ALA C 340 -16.87 -34.28 -3.21
CA ALA C 340 -16.69 -32.89 -2.89
C ALA C 340 -15.18 -32.56 -2.81
N LEU C 341 -14.82 -31.31 -2.88
CA LEU C 341 -13.43 -30.83 -2.74
C LEU C 341 -13.32 -30.15 -1.39
N GLU C 342 -12.12 -30.05 -0.83
CA GLU C 342 -11.88 -29.31 0.41
C GLU C 342 -11.80 -27.87 0.17
N VAL C 343 -12.76 -27.40 -0.57
CA VAL C 343 -12.89 -25.99 -0.77
C VAL C 343 -14.01 -25.36 0.05
N MET C 344 -14.07 -24.05 0.07
CA MET C 344 -15.14 -23.34 0.83
C MET C 344 -15.24 -23.89 2.28
N GLN C 345 -16.44 -24.27 2.71
CA GLN C 345 -16.64 -24.84 4.08
C GLN C 345 -16.58 -26.31 4.16
N ASN C 346 -16.32 -26.95 3.04
CA ASN C 346 -16.47 -28.35 2.98
C ASN C 346 -15.61 -29.20 3.93
N LYS C 347 -14.35 -28.81 4.12
CA LYS C 347 -13.49 -29.73 4.95
C LYS C 347 -14.09 -30.01 6.39
N SER C 348 -14.70 -28.97 6.96
CA SER C 348 -15.30 -29.00 8.31
C SER C 348 -16.32 -30.08 8.50
N VAL C 349 -16.85 -30.65 7.43
CA VAL C 349 -17.94 -31.61 7.59
C VAL C 349 -17.58 -33.02 7.19
N PHE C 350 -16.43 -33.18 6.54
CA PHE C 350 -16.10 -34.46 5.95
C PHE C 350 -15.99 -35.63 6.96
N GLU C 351 -15.31 -35.33 8.07
CA GLU C 351 -15.23 -36.29 9.20
C GLU C 351 -16.59 -36.78 9.64
N ASP C 352 -17.44 -35.86 10.14
CA ASP C 352 -18.75 -36.22 10.63
C ASP C 352 -19.65 -36.80 9.56
N LEU C 353 -19.54 -36.36 8.31
CA LEU C 353 -20.44 -36.97 7.29
C LEU C 353 -19.95 -38.20 6.54
N LYS C 354 -18.88 -38.78 7.11
CA LYS C 354 -18.28 -40.05 6.67
C LYS C 354 -17.74 -39.98 5.23
N PHE C 355 -17.16 -38.87 4.86
CA PHE C 355 -16.43 -38.77 3.58
C PHE C 355 -15.06 -39.41 3.72
N GLY C 356 -14.68 -40.24 2.74
CA GLY C 356 -13.27 -40.77 2.65
C GLY C 356 -12.42 -39.85 1.80
N GLU C 357 -11.22 -39.49 2.26
CA GLU C 357 -10.24 -38.80 1.40
C GLU C 357 -9.95 -39.64 0.17
N GLY C 358 -9.90 -39.04 -1.02
CA GLY C 358 -9.51 -39.79 -2.26
C GLY C 358 -8.02 -39.79 -2.60
N ASP C 359 -7.68 -40.39 -3.74
N ASP C 359 -7.63 -40.33 -3.74
CA ASP C 359 -6.32 -40.45 -4.30
CA ASP C 359 -6.21 -40.38 -4.03
C ASP C 359 -5.84 -39.08 -4.66
C ASP C 359 -5.76 -39.30 -5.00
N GLY C 360 -6.66 -38.45 -5.47
CA GLY C 360 -6.21 -37.31 -6.22
C GLY C 360 -6.32 -35.99 -5.50
N SER C 361 -5.47 -35.07 -5.90
CA SER C 361 -5.90 -33.71 -5.69
C SER C 361 -6.15 -32.95 -6.99
N LEU C 362 -6.99 -31.88 -6.88
CA LEU C 362 -7.29 -30.94 -7.99
C LEU C 362 -6.52 -29.69 -7.75
N LYS C 363 -5.67 -29.32 -8.71
CA LYS C 363 -4.85 -28.12 -8.64
C LYS C 363 -5.57 -26.98 -9.39
N TYR C 364 -5.62 -25.83 -8.77
CA TYR C 364 -6.24 -24.68 -9.41
C TYR C 364 -5.12 -23.82 -10.00
N TYR C 365 -5.27 -23.26 -11.19
CA TYR C 365 -4.23 -22.49 -11.84
C TYR C 365 -4.78 -21.23 -12.39
N LEU C 366 -3.88 -20.24 -12.52
CA LEU C 366 -4.15 -19.04 -13.31
C LEU C 366 -3.20 -18.89 -14.40
N TYR C 367 -3.59 -18.29 -15.54
CA TYR C 367 -2.69 -18.02 -16.66
C TYR C 367 -2.47 -16.55 -16.59
N ASN C 368 -1.21 -16.11 -16.73
CA ASN C 368 -0.84 -14.69 -16.74
C ASN C 368 -1.34 -13.87 -15.53
N TRP C 369 -1.06 -14.46 -14.40
CA TRP C 369 -1.40 -13.82 -13.11
C TRP C 369 -0.41 -14.33 -12.07
N LYS C 370 0.13 -13.32 -11.40
CA LYS C 370 1.03 -13.48 -10.26
C LYS C 370 0.25 -13.17 -8.96
N CYS C 371 0.25 -14.12 -8.04
CA CYS C 371 -0.34 -13.84 -6.70
C CYS C 371 0.13 -14.90 -5.70
N ALA C 372 -0.04 -14.69 -4.39
CA ALA C 372 0.33 -15.73 -3.43
C ALA C 372 -0.62 -16.89 -3.52
N SER C 373 -0.07 -18.09 -3.32
CA SER C 373 -0.92 -19.26 -3.25
C SER C 373 -1.58 -19.27 -1.87
N PHE C 374 -2.60 -20.07 -1.72
CA PHE C 374 -3.45 -20.09 -0.56
C PHE C 374 -4.04 -21.47 -0.38
N ALA C 375 -4.49 -21.70 0.85
CA ALA C 375 -5.11 -22.95 1.21
C ALA C 375 -6.50 -23.08 0.62
N PRO C 376 -6.90 -24.29 0.38
CA PRO C 376 -8.16 -24.39 -0.43
C PRO C 376 -9.45 -23.88 0.25
N ALA C 377 -9.46 -23.71 1.59
CA ALA C 377 -10.63 -23.09 2.31
C ALA C 377 -10.90 -21.72 1.80
N HIS C 378 -9.89 -21.10 1.17
CA HIS C 378 -10.03 -19.80 0.58
C HIS C 378 -10.41 -19.87 -0.89
N VAL C 379 -10.55 -21.06 -1.46
CA VAL C 379 -11.11 -21.19 -2.81
C VAL C 379 -12.66 -21.21 -2.78
N GLY C 380 -13.23 -20.31 -3.59
CA GLY C 380 -14.65 -20.17 -3.66
C GLY C 380 -15.19 -20.44 -5.04
N ILE C 381 -14.52 -21.28 -5.84
CA ILE C 381 -15.00 -21.59 -7.26
C ILE C 381 -14.78 -23.11 -7.46
N VAL C 382 -15.80 -23.70 -8.06
CA VAL C 382 -15.72 -25.08 -8.54
C VAL C 382 -15.88 -25.13 -10.06
N LEU C 383 -14.89 -25.66 -10.79
CA LEU C 383 -15.00 -25.82 -12.22
C LEU C 383 -15.59 -27.18 -12.55
N LEU C 384 -16.07 -27.39 -13.78
CA LEU C 384 -16.83 -28.61 -14.06
C LEU C 384 -15.85 -29.72 -14.49
#